data_9M0D
#
_entry.id   9M0D
#
_cell.length_a   1.00
_cell.length_b   1.00
_cell.length_c   1.00
_cell.angle_alpha   90.00
_cell.angle_beta   90.00
_cell.angle_gamma   90.00
#
_symmetry.space_group_name_H-M   'P 1'
#
loop_
_entity.id
_entity.type
_entity.pdbx_description
1 polymer 'Soluble cytochrome b562,Neurotensin receptor type 1'
2 polymer Beta-arrestin-1
3 polymer 'Fab30 heavy chain'
4 polymer 'Fab30 light chain'
#
loop_
_entity_poly.entity_id
_entity_poly.type
_entity_poly.pdbx_seq_one_letter_code
_entity_poly.pdbx_strand_id
1 'polypeptide(L)'
;MKTIIALSYIFCLVFAGSADLEDNWETLNDNLKVIEKADNAAQVKDALTKMRAAALDAQKATPPKLEDKSPDSPEMKDFR
HGFDILVGQIDDALKLANEGKVKEAQAAAEQLKTTRNAYIQKYLASGSLEVLFQGPMRLNSSAPGTPGTPAADPFQRAQA
GLEEALLAPGFGNASGNASERVLAAPSSELDVNTDIYSKVLVTAVYLALFVVGTVGNTVTAFTLARKKSLQSLQSTVHYH
LGSLALSDLLTLLLAMPVELYNFIWVHHPWAFGDAGCRGYYFLRDACTYATALNVASLSVERYLALCHPFKAKTLMSRSR
TKKFISAIWLASALLAVPMLFTMGEQNRSADGQHAGGLVCTPTIHTATVKVVIQVNTFMSFIFPMVVISVLNTIIANKLT
VMVRQAAEQGQVCTVGGEHSTFSMAIEPGRVQALRHGVRVLRAVVIAFVVCWLPYHVRRLMFCYISDEQWTPFLYDFYHY
FYMVTNALFYVSSTINPILYNLVSANFRHIFLATLACLCPVWRRRRKRPCFNAFSRKCD(SEP)V(SEP)(SEP)NH
(TPO)L(SEP)(SEP)NATRETLY
;
R
2 'polypeptide(L)'
;MGSHHHHHHHHGSLEVLFQGPGDKGTRVFKKASPNGKLTVYLGKRDFVDHIDLVDPVDGVVLVDPEYLKERRVYVTLTCA
FRYGREDLDVLGLTFRKDLFVANVQSFPPAPEDKKPLTRLQERLIKKLGEHAYPFTFEIPPNLPCSVTLQPGPEDTGKAC
GVDYEVKAFCAENLEEKIHKRNSVRLVIRKVQYAPERPGPQPTAETTRQFLMSDKPLHLEASLDKEIYYHGEPISVNVHV
TNNTNKTVKKIKISVRQYADICLFNTAQYKCPVAMEEADDTVAPSSTFCKVYTLTPFLANNREKRGLALDGKLKHEDTNL
ASSTLLREGANREILGIIVSYKVKVKLVVSRGGLLGDLASSDVAVELPFTLMHPKPKEEPPHREVPENETPVDTNLIELD
TN
;
B
3 'polypeptide(L)'
;MVSAIVLYVLLAAAAHSAFAEISEVQLVESGGGLVQPGGSLRLSCAASGFNVYSSSIHWVRQAPGKGLEWVASISSYYGY
TYYADSVKGRFTISADTSKNTAYLQMNSLRAEDTAVYYCARSRQFWYSGLDYWGQGTLVTVSSASTKGPSVFPLAPSSKS
TSGGTAALGCLVKDYFPEPVTVSWNSGALTSGVHTFPAVLQSSGLYSLSSVVTVPSSSLGTQTYICNVNHKPSNTKVDKK
VEPKSCDKTAAAHHHHHHHH
;
D
4 'polypeptide(L)'
;MVSAIVLYVLLAAAAHSAFASDIQMTQSPSSLSASVGDRVTITCRASQSVSSAVAWYQQKPGKAPKLLIYSASSLYSGVP
SRFSGSRSGTDFTLTISSLNPEDFATYYCQQYKYVPVTFGQGTKVEIKRTVAAPSVFIFPPSDSQLKSGTASVVCLLNNF
YPREAKVQWKVDNALQSGNSQESVTEQDSKDSTYSLSSTLTLSKADYEKHKVYACEVTHQGLSSPVTKSFNRGEC
;
Q
#
# COMPACT_ATOMS: atom_id res chain seq x y z
N ILE A 196 -57.34 32.34 -13.53
CA ILE A 196 -57.51 30.91 -13.28
C ILE A 196 -56.46 30.12 -14.05
N TYR A 197 -56.31 30.42 -15.33
CA TYR A 197 -55.31 29.74 -16.16
C TYR A 197 -53.90 30.03 -15.68
N SER A 198 -53.63 31.30 -15.34
CA SER A 198 -52.31 31.64 -14.81
C SER A 198 -52.04 30.94 -13.49
N LYS A 199 -53.06 30.87 -12.63
CA LYS A 199 -52.90 30.15 -11.36
C LYS A 199 -52.63 28.67 -11.60
N VAL A 200 -53.33 28.07 -12.57
CA VAL A 200 -53.10 26.66 -12.89
C VAL A 200 -51.69 26.44 -13.41
N LEU A 201 -51.21 27.33 -14.27
CA LEU A 201 -49.85 27.21 -14.78
C LEU A 201 -48.81 27.35 -13.67
N VAL A 202 -49.03 28.31 -12.77
CA VAL A 202 -48.12 28.48 -11.64
C VAL A 202 -48.15 27.24 -10.74
N THR A 203 -49.33 26.65 -10.56
CA THR A 203 -49.44 25.44 -9.76
C THR A 203 -48.70 24.28 -10.42
N ALA A 204 -48.78 24.17 -11.75
CA ALA A 204 -48.04 23.13 -12.46
C ALA A 204 -46.54 23.32 -12.33
N VAL A 205 -46.07 24.57 -12.43
CA VAL A 205 -44.64 24.84 -12.26
C VAL A 205 -44.21 24.49 -10.84
N TYR A 206 -45.02 24.85 -9.85
CA TYR A 206 -44.70 24.52 -8.46
C TYR A 206 -44.70 23.01 -8.25
N LEU A 207 -45.60 22.29 -8.93
CA LEU A 207 -45.62 20.84 -8.82
C LEU A 207 -44.36 20.22 -9.41
N ALA A 208 -43.90 20.75 -10.55
CA ALA A 208 -42.64 20.28 -11.12
C ALA A 208 -41.48 20.54 -10.18
N LEU A 209 -41.44 21.73 -9.58
CA LEU A 209 -40.37 22.05 -8.62
C LEU A 209 -40.44 21.13 -7.41
N PHE A 210 -41.66 20.82 -6.95
CA PHE A 210 -41.81 19.93 -5.81
C PHE A 210 -41.40 18.51 -6.16
N VAL A 211 -41.64 18.08 -7.41
CA VAL A 211 -41.18 16.77 -7.84
C VAL A 211 -39.65 16.72 -7.85
N VAL A 212 -39.01 17.79 -8.33
CA VAL A 212 -37.55 17.86 -8.29
C VAL A 212 -37.05 17.80 -6.86
N GLY A 213 -37.71 18.54 -5.95
CA GLY A 213 -37.32 18.51 -4.55
C GLY A 213 -37.50 17.15 -3.92
N THR A 214 -38.58 16.44 -4.30
CA THR A 214 -38.79 15.08 -3.80
C THR A 214 -37.72 14.14 -4.31
N VAL A 215 -37.29 14.30 -5.56
CA VAL A 215 -36.19 13.48 -6.08
C VAL A 215 -34.91 13.76 -5.29
N GLY A 216 -34.64 15.05 -5.01
CA GLY A 216 -33.48 15.38 -4.19
C GLY A 216 -33.57 14.80 -2.79
N ASN A 217 -34.76 14.81 -2.19
CA ASN A 217 -34.96 14.24 -0.87
C ASN A 217 -34.74 12.72 -0.89
N THR A 218 -35.21 12.06 -1.95
CA THR A 218 -34.96 10.62 -2.08
C THR A 218 -33.46 10.33 -2.22
N VAL A 219 -32.76 11.18 -2.98
CA VAL A 219 -31.31 11.02 -3.10
C VAL A 219 -30.64 11.19 -1.74
N THR A 220 -31.08 12.18 -0.96
CA THR A 220 -30.53 12.40 0.37
C THR A 220 -30.81 11.20 1.28
N ALA A 221 -32.02 10.64 1.19
CA ALA A 221 -32.35 9.46 1.99
C ALA A 221 -31.48 8.26 1.61
N PHE A 222 -31.25 8.08 0.30
CA PHE A 222 -30.36 7.01 -0.14
C PHE A 222 -28.94 7.24 0.38
N THR A 223 -28.50 8.50 0.41
CA THR A 223 -27.19 8.82 0.98
C THR A 223 -27.14 8.46 2.46
N LEU A 224 -28.20 8.81 3.20
CA LEU A 224 -28.25 8.53 4.64
C LEU A 224 -28.52 7.06 4.94
N ALA A 225 -28.87 6.26 3.94
CA ALA A 225 -29.10 4.84 4.18
C ALA A 225 -27.83 4.14 4.67
N ARG A 226 -26.69 4.48 4.09
CA ARG A 226 -25.42 3.86 4.47
C ARG A 226 -25.00 4.25 5.88
N SER A 235 -23.62 8.65 12.24
CA SER A 235 -24.46 9.70 11.68
C SER A 235 -25.89 9.60 12.21
N THR A 236 -26.03 9.58 13.53
CA THR A 236 -27.37 9.47 14.13
C THR A 236 -28.22 10.69 13.81
N VAL A 237 -27.64 11.88 13.90
CA VAL A 237 -28.36 13.09 13.51
C VAL A 237 -28.70 13.04 12.03
N HIS A 238 -27.74 12.61 11.20
CA HIS A 238 -28.00 12.45 9.77
C HIS A 238 -29.02 11.34 9.51
N TYR A 239 -29.02 10.29 10.33
CA TYR A 239 -30.03 9.25 10.17
C TYR A 239 -31.43 9.77 10.46
N HIS A 240 -31.56 10.57 11.53
CA HIS A 240 -32.86 11.18 11.84
C HIS A 240 -33.27 12.15 10.74
N LEU A 241 -32.31 12.92 10.22
CA LEU A 241 -32.61 13.83 9.13
C LEU A 241 -33.06 13.08 7.88
N GLY A 242 -32.43 11.93 7.59
CA GLY A 242 -32.84 11.14 6.45
C GLY A 242 -34.22 10.53 6.63
N SER A 243 -34.53 10.06 7.85
CA SER A 243 -35.87 9.57 8.12
C SER A 243 -36.91 10.67 7.96
N LEU A 244 -36.60 11.88 8.45
CA LEU A 244 -37.49 13.00 8.26
C LEU A 244 -37.63 13.36 6.78
N ALA A 245 -36.54 13.22 6.03
CA ALA A 245 -36.58 13.51 4.59
C ALA A 245 -37.45 12.50 3.85
N LEU A 246 -37.37 11.23 4.23
CA LEU A 246 -38.24 10.22 3.61
C LEU A 246 -39.70 10.46 3.96
N SER A 247 -39.97 10.80 5.21
CA SER A 247 -41.33 11.14 5.62
C SER A 247 -41.83 12.36 4.86
N ASP A 248 -40.98 13.36 4.68
CA ASP A 248 -41.37 14.55 3.93
C ASP A 248 -41.51 14.28 2.45
N LEU A 249 -40.79 13.30 1.92
CA LEU A 249 -40.97 12.93 0.52
C LEU A 249 -42.32 12.22 0.32
N LEU A 250 -42.68 11.34 1.24
CA LEU A 250 -44.03 10.75 1.20
C LEU A 250 -45.10 11.82 1.35
N THR A 251 -44.89 12.76 2.28
CA THR A 251 -45.83 13.85 2.45
C THR A 251 -45.89 14.74 1.22
N LEU A 252 -44.77 14.89 0.50
CA LEU A 252 -44.78 15.65 -0.74
C LEU A 252 -45.59 14.92 -1.81
N LEU A 253 -45.36 13.61 -1.96
CA LEU A 253 -46.15 12.85 -2.93
C LEU A 253 -47.63 12.86 -2.57
N LEU A 254 -47.97 13.06 -1.30
CA LEU A 254 -49.37 13.07 -0.91
C LEU A 254 -49.96 14.48 -0.88
N ALA A 255 -49.11 15.52 -0.90
CA ALA A 255 -49.60 16.88 -0.70
C ALA A 255 -49.40 17.76 -1.94
N MET A 256 -48.20 17.77 -2.52
CA MET A 256 -47.99 18.51 -3.76
C MET A 256 -48.93 18.07 -4.86
N PRO A 257 -49.15 16.77 -5.09
CA PRO A 257 -50.30 16.38 -5.94
C PRO A 257 -51.62 16.87 -5.39
N VAL A 258 -51.79 16.83 -4.06
CA VAL A 258 -53.03 17.34 -3.46
C VAL A 258 -53.10 18.86 -3.62
N GLU A 259 -51.97 19.55 -3.51
CA GLU A 259 -51.95 20.99 -3.74
C GLU A 259 -52.33 21.31 -5.18
N LEU A 260 -51.80 20.56 -6.14
CA LEU A 260 -52.16 20.76 -7.53
C LEU A 260 -53.64 20.49 -7.77
N TYR A 261 -54.17 19.44 -7.15
CA TYR A 261 -55.60 19.15 -7.28
C TYR A 261 -56.44 20.28 -6.68
N ASN A 262 -56.05 20.79 -5.51
CA ASN A 262 -56.79 21.89 -4.90
C ASN A 262 -56.74 23.14 -5.75
N PHE A 263 -55.59 23.42 -6.36
CA PHE A 263 -55.50 24.53 -7.29
C PHE A 263 -56.41 24.31 -8.50
N ILE A 264 -56.46 23.08 -9.00
CA ILE A 264 -57.38 22.76 -10.08
C ILE A 264 -58.82 22.78 -9.58
N TRP A 265 -59.06 22.25 -8.39
CA TRP A 265 -60.39 22.24 -7.79
C TRP A 265 -60.65 23.52 -7.00
N GLY A 276 -60.89 11.92 4.55
CA GLY A 276 -60.74 11.72 3.12
C GLY A 276 -59.59 12.53 2.54
N CYS A 277 -59.91 13.39 1.58
CA CYS A 277 -58.89 14.26 0.99
C CYS A 277 -58.29 15.18 2.05
N ARG A 278 -59.13 15.76 2.90
CA ARG A 278 -58.61 16.49 4.05
C ARG A 278 -57.88 15.57 5.02
N GLY A 279 -58.33 14.32 5.14
CA GLY A 279 -57.61 13.37 5.97
C GLY A 279 -56.21 13.06 5.45
N TYR A 280 -56.09 12.85 4.13
CA TYR A 280 -54.78 12.64 3.53
C TYR A 280 -53.90 13.87 3.66
N TYR A 281 -54.49 15.05 3.46
CA TYR A 281 -53.74 16.30 3.62
C TYR A 281 -53.24 16.45 5.05
N PHE A 282 -54.10 16.12 6.03
CA PHE A 282 -53.70 16.20 7.43
C PHE A 282 -52.61 15.18 7.76
N LEU A 283 -52.72 13.96 7.24
CA LEU A 283 -51.67 12.97 7.47
C LEU A 283 -50.33 13.44 6.91
N ARG A 284 -50.34 13.94 5.67
CA ARG A 284 -49.11 14.45 5.07
C ARG A 284 -48.57 15.64 5.86
N ASP A 285 -49.45 16.55 6.28
CA ASP A 285 -49.01 17.76 6.98
C ASP A 285 -48.46 17.41 8.35
N ALA A 286 -49.01 16.39 9.00
CA ALA A 286 -48.51 15.98 10.32
C ALA A 286 -47.19 15.23 10.20
N CYS A 287 -47.04 14.40 9.17
CA CYS A 287 -45.73 13.79 8.92
C CYS A 287 -44.69 14.85 8.64
N THR A 288 -45.06 15.89 7.86
CA THR A 288 -44.13 16.97 7.58
C THR A 288 -43.86 17.82 8.81
N TYR A 289 -44.85 17.97 9.70
CA TYR A 289 -44.61 18.67 10.95
C TYR A 289 -43.64 17.92 11.85
N ALA A 290 -43.80 16.59 11.93
CA ALA A 290 -42.84 15.79 12.69
C ALA A 290 -41.45 15.87 12.07
N THR A 291 -41.37 15.84 10.74
CA THR A 291 -40.07 15.95 10.07
C THR A 291 -39.42 17.31 10.32
N ALA A 292 -40.22 18.38 10.26
CA ALA A 292 -39.68 19.72 10.48
C ALA A 292 -39.26 19.91 11.93
N LEU A 293 -40.03 19.37 12.87
CA LEU A 293 -39.61 19.40 14.27
C LEU A 293 -38.31 18.63 14.47
N ASN A 294 -38.18 17.47 13.80
CA ASN A 294 -36.94 16.71 13.88
C ASN A 294 -35.77 17.49 13.30
N VAL A 295 -35.97 18.19 12.18
CA VAL A 295 -34.89 18.93 11.56
C VAL A 295 -34.48 20.12 12.44
N ALA A 296 -35.45 20.86 12.96
CA ALA A 296 -35.14 21.98 13.85
C ALA A 296 -34.45 21.49 15.12
N SER A 297 -34.90 20.36 15.66
CA SER A 297 -34.28 19.81 16.85
C SER A 297 -32.87 19.32 16.55
N LEU A 298 -32.64 18.79 15.35
CA LEU A 298 -31.29 18.39 14.97
C LEU A 298 -30.37 19.59 14.87
N SER A 299 -30.85 20.68 14.28
CA SER A 299 -30.04 21.90 14.22
C SER A 299 -29.74 22.43 15.62
N VAL A 300 -30.75 22.45 16.49
CA VAL A 300 -30.57 22.94 17.86
C VAL A 300 -29.60 22.04 18.62
N GLU A 301 -29.71 20.72 18.42
CA GLU A 301 -28.82 19.79 19.11
C GLU A 301 -27.39 19.92 18.61
N ARG A 302 -27.20 20.14 17.30
CA ARG A 302 -25.87 20.39 16.79
C ARG A 302 -25.29 21.67 17.39
N TYR A 303 -26.11 22.72 17.48
CA TYR A 303 -25.64 23.96 18.11
C TYR A 303 -25.26 23.74 19.57
N LEU A 304 -26.09 22.99 20.30
CA LEU A 304 -25.81 22.72 21.71
C LEU A 304 -24.54 21.89 21.88
N ALA A 305 -24.35 20.88 21.02
CA ALA A 305 -23.14 20.07 21.07
C ALA A 305 -21.91 20.91 20.77
N LEU A 306 -22.01 21.82 19.79
CA LEU A 306 -20.92 22.74 19.52
C LEU A 306 -20.66 23.68 20.68
N CYS A 307 -21.69 24.08 21.42
CA CYS A 307 -21.53 24.94 22.58
C CYS A 307 -21.00 24.15 23.77
N SER A 319 -28.19 1.13 19.04
CA SER A 319 -29.47 0.64 19.52
C SER A 319 -30.39 1.80 19.91
N ARG A 320 -29.83 2.77 20.63
CA ARG A 320 -30.60 3.94 21.04
C ARG A 320 -31.09 4.75 19.85
N THR A 321 -30.25 4.94 18.83
CA THR A 321 -30.68 5.70 17.66
C THR A 321 -31.81 4.99 16.92
N LYS A 322 -31.70 3.67 16.75
CA LYS A 322 -32.76 2.93 16.07
C LYS A 322 -34.05 2.96 16.87
N LYS A 323 -33.96 2.81 18.19
CA LYS A 323 -35.15 2.91 19.04
C LYS A 323 -35.78 4.29 18.94
N PHE A 324 -34.95 5.33 18.92
CA PHE A 324 -35.46 6.69 18.76
C PHE A 324 -36.14 6.89 17.41
N ILE A 325 -35.58 6.31 16.34
CA ILE A 325 -36.20 6.44 15.03
C ILE A 325 -37.55 5.74 15.00
N SER A 326 -37.63 4.53 15.57
CA SER A 326 -38.90 3.83 15.62
C SER A 326 -39.93 4.58 16.45
N ALA A 327 -39.51 5.12 17.60
CA ALA A 327 -40.41 5.90 18.43
C ALA A 327 -40.84 7.18 17.74
N ILE A 328 -39.97 7.80 16.94
CA ILE A 328 -40.34 8.99 16.19
C ILE A 328 -41.38 8.66 15.14
N TRP A 329 -41.22 7.53 14.45
CA TRP A 329 -42.23 7.11 13.49
C TRP A 329 -43.57 6.87 14.18
N LEU A 330 -43.55 6.19 15.33
CA LEU A 330 -44.79 5.94 16.06
C LEU A 330 -45.44 7.25 16.52
N ALA A 331 -44.64 8.19 17.01
CA ALA A 331 -45.18 9.48 17.45
C ALA A 331 -45.74 10.28 16.28
N SER A 332 -45.09 10.20 15.12
CA SER A 332 -45.63 10.86 13.93
C SER A 332 -46.97 10.27 13.54
N ALA A 333 -47.09 8.94 13.59
CA ALA A 333 -48.39 8.31 13.30
C ALA A 333 -49.45 8.74 14.31
N LEU A 334 -49.09 8.78 15.60
CA LEU A 334 -50.04 9.19 16.63
C LEU A 334 -50.49 10.64 16.42
N LEU A 335 -49.56 11.52 16.08
CA LEU A 335 -49.91 12.91 15.82
C LEU A 335 -50.77 13.05 14.58
N ALA A 336 -50.51 12.25 13.54
CA ALA A 336 -51.32 12.31 12.33
C ALA A 336 -52.72 11.77 12.54
N VAL A 337 -52.89 10.86 13.50
CA VAL A 337 -54.20 10.27 13.80
C VAL A 337 -55.17 11.35 14.27
N PRO A 338 -54.70 12.52 14.72
CA PRO A 338 -55.59 13.50 15.36
C PRO A 338 -56.62 14.15 14.43
N MET A 339 -56.16 14.75 13.34
CA MET A 339 -57.01 15.66 12.57
C MET A 339 -57.77 14.98 11.44
N LEU A 340 -57.73 13.64 11.35
CA LEU A 340 -58.40 12.96 10.25
C LEU A 340 -59.93 13.10 10.36
N PHE A 341 -60.49 12.84 11.54
CA PHE A 341 -61.93 12.88 11.70
C PHE A 341 -62.49 14.30 11.64
N THR A 342 -61.77 15.26 12.24
CA THR A 342 -62.25 16.63 12.29
C THR A 342 -62.25 17.26 10.90
N MET A 343 -61.08 17.35 10.28
CA MET A 343 -60.99 17.92 8.94
C MET A 343 -61.28 16.85 7.90
N GLY A 344 -62.40 16.99 7.20
CA GLY A 344 -62.79 16.03 6.18
C GLY A 344 -63.89 16.58 5.31
N GLU A 345 -64.06 15.96 4.15
CA GLU A 345 -65.09 16.35 3.19
C GLU A 345 -66.37 15.61 3.52
N GLN A 346 -67.37 16.34 4.03
CA GLN A 346 -68.65 15.71 4.36
C GLN A 346 -69.34 15.17 3.12
N ASN A 347 -69.31 15.93 2.02
CA ASN A 347 -69.93 15.51 0.78
C ASN A 347 -68.97 15.62 -0.39
N HIS A 365 -70.41 21.57 14.59
CA HIS A 365 -69.96 20.49 13.72
C HIS A 365 -68.61 20.81 13.10
N THR A 366 -68.58 21.80 12.20
CA THR A 366 -67.34 22.21 11.55
C THR A 366 -66.58 23.26 12.34
N ALA A 367 -67.25 23.95 13.28
CA ALA A 367 -66.56 24.95 14.08
C ALA A 367 -65.50 24.30 14.97
N THR A 368 -65.82 23.18 15.60
CA THR A 368 -64.84 22.48 16.42
C THR A 368 -63.69 21.94 15.59
N VAL A 369 -63.99 21.42 14.39
CA VAL A 369 -62.93 20.93 13.50
C VAL A 369 -62.00 22.07 13.12
N LYS A 370 -62.58 23.23 12.76
CA LYS A 370 -61.77 24.39 12.40
C LYS A 370 -60.91 24.85 13.58
N VAL A 371 -61.49 24.86 14.78
CA VAL A 371 -60.74 25.26 15.97
C VAL A 371 -59.57 24.31 16.22
N VAL A 372 -59.82 23.01 16.10
CA VAL A 372 -58.77 22.03 16.33
C VAL A 372 -57.66 22.17 15.29
N ILE A 373 -58.02 22.35 14.03
CA ILE A 373 -57.02 22.51 12.97
C ILE A 373 -56.20 23.77 13.22
N GLN A 374 -56.87 24.87 13.58
CA GLN A 374 -56.16 26.12 13.85
C GLN A 374 -55.23 25.97 15.04
N VAL A 375 -55.66 25.28 16.09
CA VAL A 375 -54.82 25.09 17.27
C VAL A 375 -53.59 24.26 16.93
N ASN A 376 -53.78 23.17 16.17
CA ASN A 376 -52.65 22.34 15.77
C ASN A 376 -51.67 23.13 14.91
N THR A 377 -52.18 23.89 13.94
CA THR A 377 -51.31 24.68 13.09
C THR A 377 -50.56 25.74 13.89
N PHE A 378 -51.25 26.39 14.84
CA PHE A 378 -50.62 27.40 15.67
C PHE A 378 -49.51 26.81 16.54
N MET A 379 -49.76 25.64 17.14
CA MET A 379 -48.73 25.00 17.94
C MET A 379 -47.53 24.61 17.09
N SER A 380 -47.79 24.03 15.91
CA SER A 380 -46.69 23.65 15.02
C SER A 380 -45.87 24.86 14.59
N PHE A 381 -46.53 25.98 14.28
CA PHE A 381 -45.82 27.18 13.87
C PHE A 381 -45.06 27.80 15.04
N ILE A 382 -45.64 27.78 16.23
CA ILE A 382 -44.99 28.37 17.39
C ILE A 382 -43.73 27.61 17.74
N PHE A 383 -43.79 26.28 17.75
CA PHE A 383 -42.58 25.50 17.95
C PHE A 383 -41.59 25.68 16.82
N PRO A 384 -41.98 25.56 15.54
CA PRO A 384 -40.97 25.61 14.47
C PRO A 384 -40.36 26.98 14.27
N MET A 385 -41.16 28.06 14.33
CA MET A 385 -40.62 29.39 14.13
C MET A 385 -39.60 29.73 15.21
N VAL A 386 -39.95 29.48 16.47
CA VAL A 386 -39.04 29.78 17.58
C VAL A 386 -37.78 28.92 17.49
N VAL A 387 -37.95 27.63 17.21
CA VAL A 387 -36.79 26.74 17.13
C VAL A 387 -35.85 27.18 16.01
N ILE A 388 -36.41 27.48 14.85
CA ILE A 388 -35.61 27.89 13.70
C ILE A 388 -34.90 29.21 13.99
N SER A 389 -35.61 30.17 14.61
CA SER A 389 -34.99 31.44 14.92
C SER A 389 -33.82 31.27 15.89
N VAL A 390 -34.02 30.46 16.93
CA VAL A 390 -32.97 30.24 17.91
C VAL A 390 -31.76 29.56 17.27
N LEU A 391 -32.02 28.52 16.46
CA LEU A 391 -30.92 27.81 15.82
C LEU A 391 -30.16 28.71 14.85
N ASN A 392 -30.89 29.51 14.07
CA ASN A 392 -30.24 30.40 13.12
C ASN A 392 -29.41 31.45 13.84
N THR A 393 -29.94 32.03 14.93
CA THR A 393 -29.17 33.01 15.69
C THR A 393 -27.92 32.39 16.28
N ILE A 394 -28.02 31.18 16.84
CA ILE A 394 -26.87 30.52 17.43
C ILE A 394 -25.81 30.24 16.35
N ILE A 395 -26.25 29.74 15.20
CA ILE A 395 -25.31 29.41 14.12
C ILE A 395 -24.64 30.67 13.61
N ALA A 396 -25.40 31.75 13.43
CA ALA A 396 -24.83 33.00 12.94
C ALA A 396 -23.81 33.55 13.94
N ASN A 397 -24.15 33.54 15.23
CA ASN A 397 -23.21 34.03 16.24
C ASN A 397 -21.94 33.19 16.27
N LYS A 398 -22.08 31.87 16.13
CA LYS A 398 -20.91 30.99 16.20
C LYS A 398 -20.02 31.14 14.98
N LEU A 399 -20.61 31.23 13.78
CA LEU A 399 -19.84 31.14 12.56
C LEU A 399 -19.45 32.49 11.96
N THR A 400 -20.36 33.47 11.97
CA THR A 400 -20.06 34.75 11.34
C THR A 400 -18.90 35.47 12.04
N VAL A 401 -18.78 35.28 13.36
CA VAL A 401 -17.68 35.90 14.10
C VAL A 401 -16.34 35.35 13.66
N MET A 402 -16.28 34.06 13.31
CA MET A 402 -15.03 33.47 12.85
C MET A 402 -14.60 34.06 11.51
N VAL A 403 -15.54 34.42 10.67
CA VAL A 403 -15.23 34.99 9.36
C VAL A 403 -14.68 36.41 9.51
N ARG A 435 -21.28 32.38 9.04
CA ARG A 435 -20.51 32.09 7.84
C ARG A 435 -21.42 31.64 6.70
N HIS A 436 -20.83 31.01 5.68
CA HIS A 436 -21.61 30.56 4.53
C HIS A 436 -22.67 29.54 4.94
N GLY A 437 -22.29 28.56 5.76
CA GLY A 437 -23.27 27.60 6.24
C GLY A 437 -24.32 28.23 7.13
N VAL A 438 -23.89 29.11 8.03
CA VAL A 438 -24.84 29.79 8.91
C VAL A 438 -25.77 30.68 8.11
N ARG A 439 -25.24 31.42 7.13
CA ARG A 439 -26.08 32.29 6.32
C ARG A 439 -27.06 31.48 5.48
N VAL A 440 -26.61 30.36 4.91
CA VAL A 440 -27.50 29.51 4.12
C VAL A 440 -28.61 28.94 5.00
N LEU A 441 -28.25 28.47 6.20
CA LEU A 441 -29.25 27.96 7.12
C LEU A 441 -30.25 29.04 7.51
N ARG A 442 -29.76 30.26 7.77
CA ARG A 442 -30.65 31.35 8.15
C ARG A 442 -31.60 31.71 7.01
N ALA A 443 -31.10 31.77 5.78
CA ALA A 443 -31.97 32.08 4.65
C ALA A 443 -33.01 30.99 4.43
N VAL A 444 -32.59 29.72 4.50
CA VAL A 444 -33.52 28.61 4.33
C VAL A 444 -34.56 28.62 5.43
N VAL A 445 -34.15 28.92 6.67
CA VAL A 445 -35.07 28.95 7.78
C VAL A 445 -36.04 30.11 7.65
N ILE A 446 -35.57 31.25 7.13
CA ILE A 446 -36.46 32.39 6.90
C ILE A 446 -37.52 32.04 5.86
N ALA A 447 -37.09 31.41 4.77
CA ALA A 447 -38.04 30.99 3.74
C ALA A 447 -39.03 29.97 4.29
N PHE A 448 -38.54 28.99 5.06
CA PHE A 448 -39.41 27.96 5.61
C PHE A 448 -40.37 28.53 6.63
N VAL A 449 -39.95 29.56 7.37
CA VAL A 449 -40.86 30.21 8.31
C VAL A 449 -41.92 30.99 7.55
N VAL A 450 -41.51 31.80 6.58
CA VAL A 450 -42.47 32.59 5.80
C VAL A 450 -43.37 31.69 4.98
N CYS A 451 -43.03 30.40 4.89
CA CYS A 451 -43.93 29.45 4.26
C CYS A 451 -44.87 28.82 5.29
N TRP A 452 -44.31 28.17 6.32
CA TRP A 452 -45.12 27.39 7.26
C TRP A 452 -45.90 28.30 8.20
N LEU A 453 -45.20 29.18 8.92
CA LEU A 453 -45.91 30.08 9.83
C LEU A 453 -46.94 30.93 9.10
N PRO A 454 -46.65 31.48 7.92
CA PRO A 454 -47.74 32.10 7.14
C PRO A 454 -48.82 31.10 6.76
N TYR A 455 -48.47 29.85 6.46
CA TYR A 455 -49.49 28.85 6.13
C TYR A 455 -50.36 28.54 7.33
N HIS A 456 -49.75 28.35 8.50
CA HIS A 456 -50.51 28.10 9.71
C HIS A 456 -51.39 29.29 10.06
N VAL A 457 -50.86 30.51 9.91
CA VAL A 457 -51.63 31.70 10.19
C VAL A 457 -52.80 31.84 9.22
N ARG A 458 -52.57 31.54 7.94
CA ARG A 458 -53.64 31.61 6.95
C ARG A 458 -54.73 30.57 7.24
N ARG A 459 -54.32 29.36 7.62
CA ARG A 459 -55.31 28.34 7.98
C ARG A 459 -56.12 28.76 9.20
N LEU A 460 -55.43 29.29 10.22
CA LEU A 460 -56.13 29.73 11.43
C LEU A 460 -57.06 30.89 11.14
N MET A 461 -56.67 31.79 10.23
CA MET A 461 -57.53 32.90 9.88
C MET A 461 -58.74 32.44 9.08
N PHE A 462 -58.53 31.60 8.07
CA PHE A 462 -59.65 31.08 7.28
C PHE A 462 -60.60 30.25 8.13
N CYS A 463 -60.10 29.64 9.19
CA CYS A 463 -60.94 28.91 10.13
C CYS A 463 -61.42 29.78 11.28
N TYR A 464 -60.99 31.04 11.35
CA TYR A 464 -61.31 31.92 12.47
C TYR A 464 -61.82 33.29 12.06
N ILE A 465 -61.63 33.72 10.80
CA ILE A 465 -62.15 35.01 10.37
C ILE A 465 -63.66 34.98 10.45
N SER A 466 -64.24 36.01 11.06
CA SER A 466 -65.68 36.06 11.25
C SER A 466 -66.41 36.08 9.92
N ASP A 467 -67.60 35.49 9.90
CA ASP A 467 -68.42 35.48 8.68
C ASP A 467 -68.79 36.88 8.24
N GLU A 468 -68.80 37.85 9.16
CA GLU A 468 -69.00 39.24 8.78
C GLU A 468 -67.83 39.73 7.95
N GLN A 469 -68.13 40.44 6.86
CA GLN A 469 -67.13 40.95 5.93
C GLN A 469 -66.31 39.84 5.29
N TRP A 470 -66.79 38.60 5.36
CA TRP A 470 -66.13 37.46 4.72
C TRP A 470 -66.76 37.19 3.35
N THR A 471 -66.72 38.23 2.51
CA THR A 471 -67.33 38.17 1.19
C THR A 471 -66.50 37.26 0.28
N PRO A 472 -66.98 37.05 -0.95
CA PRO A 472 -66.21 36.21 -1.89
C PRO A 472 -64.83 36.75 -2.18
N PHE A 473 -64.64 38.07 -2.15
CA PHE A 473 -63.33 38.64 -2.43
C PHE A 473 -62.32 38.23 -1.35
N LEU A 474 -62.71 38.33 -0.08
CA LEU A 474 -61.82 37.94 1.01
C LEU A 474 -61.51 36.45 0.97
N TYR A 475 -62.53 35.63 0.71
CA TYR A 475 -62.31 34.19 0.63
C TYR A 475 -61.39 33.83 -0.53
N ASP A 476 -61.57 34.48 -1.68
CA ASP A 476 -60.73 34.21 -2.83
C ASP A 476 -59.28 34.65 -2.57
N PHE A 477 -59.10 35.82 -1.94
CA PHE A 477 -57.75 36.27 -1.61
C PHE A 477 -57.09 35.30 -0.63
N TYR A 478 -57.83 34.84 0.38
CA TYR A 478 -57.29 33.89 1.32
C TYR A 478 -56.92 32.58 0.63
N HIS A 479 -57.77 32.12 -0.29
CA HIS A 479 -57.50 30.89 -1.01
C HIS A 479 -56.24 31.02 -1.89
N TYR A 480 -56.10 32.14 -2.59
CA TYR A 480 -54.92 32.34 -3.43
C TYR A 480 -53.66 32.42 -2.59
N PHE A 481 -53.70 33.18 -1.49
CA PHE A 481 -52.55 33.28 -0.61
C PHE A 481 -52.20 31.93 -0.02
N TYR A 482 -53.23 31.15 0.37
CA TYR A 482 -52.99 29.83 0.93
C TYR A 482 -52.41 28.87 -0.10
N MET A 483 -52.84 28.99 -1.37
CA MET A 483 -52.28 28.15 -2.41
C MET A 483 -50.81 28.47 -2.66
N VAL A 484 -50.49 29.76 -2.74
CA VAL A 484 -49.10 30.17 -2.92
C VAL A 484 -48.26 29.72 -1.73
N THR A 485 -48.77 29.92 -0.51
CA THR A 485 -48.05 29.54 0.68
C THR A 485 -47.94 28.02 0.83
N ASN A 486 -48.89 27.27 0.26
CA ASN A 486 -48.81 25.81 0.32
C ASN A 486 -47.79 25.29 -0.67
N ALA A 487 -47.70 25.90 -1.86
CA ALA A 487 -46.60 25.56 -2.77
C ALA A 487 -45.26 25.88 -2.11
N LEU A 488 -45.17 27.05 -1.47
CA LEU A 488 -43.94 27.42 -0.77
C LEU A 488 -43.67 26.49 0.41
N PHE A 489 -44.71 25.98 1.05
CA PHE A 489 -44.54 25.08 2.20
C PHE A 489 -44.07 23.69 1.75
N TYR A 490 -44.58 23.20 0.63
CA TYR A 490 -44.03 21.98 0.04
C TYR A 490 -42.58 22.18 -0.34
N VAL A 491 -42.27 23.34 -0.93
CA VAL A 491 -40.89 23.65 -1.29
C VAL A 491 -40.01 23.69 -0.05
N SER A 492 -40.53 24.25 1.05
CA SER A 492 -39.74 24.34 2.28
C SER A 492 -39.59 22.98 2.96
N SER A 493 -40.61 22.13 2.87
CA SER A 493 -40.48 20.77 3.39
C SER A 493 -39.42 20.00 2.62
N THR A 494 -39.38 20.17 1.30
CA THR A 494 -38.32 19.52 0.52
C THR A 494 -36.98 20.23 0.69
N ILE A 495 -36.99 21.48 1.15
CA ILE A 495 -35.75 22.25 1.25
C ILE A 495 -35.08 22.04 2.61
N ASN A 496 -35.86 21.76 3.65
CA ASN A 496 -35.25 21.40 4.94
C ASN A 496 -34.31 20.22 4.79
N PRO A 497 -34.70 19.12 4.15
CA PRO A 497 -33.69 18.11 3.78
C PRO A 497 -32.63 18.67 2.84
N ILE A 498 -33.02 19.55 1.92
CA ILE A 498 -32.05 20.14 1.01
C ILE A 498 -31.10 21.07 1.76
N LEU A 499 -31.63 21.83 2.72
CA LEU A 499 -30.76 22.67 3.55
C LEU A 499 -29.80 21.82 4.39
N TYR A 500 -30.30 20.70 4.92
CA TYR A 500 -29.43 19.81 5.68
C TYR A 500 -28.34 19.21 4.80
N ASN A 501 -28.68 18.83 3.57
CA ASN A 501 -27.72 18.21 2.68
C ASN A 501 -26.83 19.23 1.97
N LEU A 502 -27.15 20.52 2.09
CA LEU A 502 -26.34 21.53 1.42
C LEU A 502 -24.96 21.68 2.04
N VAL A 503 -24.82 21.32 3.32
CA VAL A 503 -23.53 21.46 4.01
C VAL A 503 -22.67 20.21 3.89
N SER A 504 -23.18 19.14 3.29
CA SER A 504 -22.43 17.90 3.09
C SER A 504 -21.99 17.73 1.63
N ALA A 505 -21.54 18.81 0.99
CA ALA A 505 -21.29 18.84 -0.45
C ALA A 505 -20.42 17.67 -0.93
N ASN A 506 -19.32 17.40 -0.24
CA ASN A 506 -18.46 16.29 -0.64
C ASN A 506 -19.21 14.96 -0.54
N PHE A 507 -19.82 14.70 0.61
CA PHE A 507 -20.65 13.51 0.76
C PHE A 507 -21.85 13.56 -0.18
N ARG A 508 -22.46 14.73 -0.34
CA ARG A 508 -23.57 14.87 -1.28
C ARG A 508 -23.13 14.59 -2.72
N HIS A 509 -21.95 15.08 -3.10
CA HIS A 509 -21.44 14.80 -4.44
C HIS A 509 -21.16 13.32 -4.63
N ILE A 510 -20.58 12.66 -3.63
CA ILE A 510 -20.31 11.23 -3.73
C ILE A 510 -21.62 10.45 -3.86
N PHE A 511 -22.62 10.83 -3.07
CA PHE A 511 -23.92 10.17 -3.14
C PHE A 511 -24.59 10.39 -4.49
N LEU A 512 -24.48 11.61 -5.03
CA LEU A 512 -25.05 11.90 -6.34
C LEU A 512 -24.37 11.06 -7.42
N ALA A 513 -23.05 10.93 -7.34
CA ALA A 513 -22.33 10.09 -8.30
C ALA A 513 -22.77 8.63 -8.18
N THR A 514 -22.92 8.14 -6.95
CA THR A 514 -23.36 6.76 -6.75
C THR A 514 -24.76 6.54 -7.31
N LEU A 515 -25.66 7.51 -7.09
CA LEU A 515 -27.03 7.39 -7.59
C LEU A 515 -27.05 7.44 -9.13
N ALA A 516 -26.25 8.32 -9.71
CA ALA A 516 -26.21 8.43 -11.17
C ALA A 516 -25.52 7.23 -11.80
N CYS A 517 -24.74 6.49 -11.01
CA CYS A 517 -24.09 5.28 -11.51
C CYS A 517 -25.13 4.24 -11.95
N LEU A 518 -26.19 4.07 -11.17
CA LEU A 518 -27.24 3.12 -11.52
C LEU A 518 -28.08 3.62 -12.68
N ASN A 544 11.86 23.31 8.73
CA ASN A 544 12.05 22.83 7.33
C ASN A 544 11.86 21.31 7.26
N HIS A 545 12.91 20.54 6.98
CA HIS A 545 12.72 19.09 6.74
C HIS A 545 13.43 18.23 7.77
N LEU A 547 15.77 16.01 8.81
CA LEU A 547 16.96 15.34 8.22
C LEU A 547 17.37 14.16 9.13
N ASN A 550 23.27 11.18 12.56
CA ASN A 550 24.16 10.34 13.41
C ASN A 550 24.59 11.12 14.65
N ALA A 551 25.16 10.43 15.63
CA ALA A 551 25.53 11.06 16.91
C ALA A 551 27.05 11.24 16.98
N THR B 26 23.51 6.33 17.37
CA THR B 26 23.58 5.84 16.00
C THR B 26 23.09 6.89 15.01
N ARG B 27 21.77 6.94 14.88
CA ARG B 27 21.16 7.90 13.93
C ARG B 27 20.16 8.77 14.69
N VAL B 28 20.13 10.04 14.38
CA VAL B 28 19.26 11.00 15.03
C VAL B 28 18.55 11.81 13.96
N PHE B 29 17.46 12.45 14.38
CA PHE B 29 16.59 13.21 13.48
C PHE B 29 16.68 14.68 13.85
N LYS B 30 17.31 15.48 12.98
CA LYS B 30 17.56 16.90 13.26
C LYS B 30 16.72 17.75 12.33
N LYS B 31 15.78 18.51 12.92
CA LYS B 31 14.99 19.48 12.18
C LYS B 31 15.39 20.89 12.60
N ALA B 32 15.42 21.81 11.64
CA ALA B 32 15.88 23.17 11.87
C ALA B 32 14.76 24.16 11.59
N SER B 33 14.83 25.31 12.27
CA SER B 33 13.87 26.37 12.09
C SER B 33 14.10 27.07 10.76
N PRO B 34 13.12 27.85 10.28
CA PRO B 34 13.31 28.57 9.02
C PRO B 34 14.52 29.50 9.02
N ASN B 35 14.82 30.13 10.16
CA ASN B 35 16.02 30.96 10.23
C ASN B 35 17.27 30.10 10.39
N GLY B 36 17.15 28.93 10.99
CA GLY B 36 18.28 28.05 11.22
C GLY B 36 18.86 28.13 12.61
N LYS B 37 18.50 29.15 13.39
CA LYS B 37 19.04 29.30 14.74
C LYS B 37 18.52 28.21 15.68
N LEU B 38 17.31 27.70 15.44
CA LEU B 38 16.71 26.69 16.30
C LEU B 38 16.75 25.34 15.60
N THR B 39 17.30 24.34 16.27
CA THR B 39 17.42 23.00 15.73
C THR B 39 17.07 21.98 16.80
N VAL B 40 16.34 20.95 16.41
CA VAL B 40 15.88 19.91 17.34
C VAL B 40 16.41 18.57 16.86
N TYR B 41 17.12 17.87 17.74
CA TYR B 41 17.69 16.55 17.45
C TYR B 41 16.89 15.50 18.20
N LEU B 42 16.02 14.80 17.48
CA LEU B 42 15.24 13.71 18.06
C LEU B 42 15.94 12.38 17.81
N GLY B 43 15.56 11.38 18.59
CA GLY B 43 16.18 10.07 18.47
C GLY B 43 15.42 9.14 17.56
N LYS B 44 14.11 9.04 17.76
CA LYS B 44 13.27 8.20 16.92
C LYS B 44 11.88 8.80 16.88
N ARG B 45 11.30 8.90 15.69
CA ARG B 45 9.93 9.38 15.57
C ARG B 45 8.93 8.23 15.54
N ASP B 46 9.08 7.30 16.50
CA ASP B 46 8.14 6.19 16.68
C ASP B 46 8.35 5.65 18.09
N PHE B 47 7.44 6.00 19.00
CA PHE B 47 7.57 5.65 20.40
C PHE B 47 6.57 4.55 20.74
N VAL B 48 7.08 3.41 21.22
CA VAL B 48 6.25 2.26 21.52
C VAL B 48 5.50 2.49 22.83
N ASP B 49 4.24 2.07 22.87
CA ASP B 49 3.41 2.16 24.07
C ASP B 49 3.35 0.77 24.68
N HIS B 50 3.99 0.61 25.84
CA HIS B 50 4.01 -0.68 26.52
C HIS B 50 2.80 -0.83 27.44
N ILE B 51 1.73 -0.09 27.12
CA ILE B 51 0.49 -0.09 27.89
C ILE B 51 0.74 0.47 29.29
N ASP B 52 1.54 -0.25 30.08
CA ASP B 52 1.86 0.23 31.42
C ASP B 52 2.69 1.52 31.37
N LEU B 53 3.67 1.57 30.48
CA LEU B 53 4.56 2.72 30.36
C LEU B 53 4.81 3.00 28.88
N VAL B 54 5.37 4.17 28.61
CA VAL B 54 5.68 4.60 27.25
C VAL B 54 7.15 5.00 27.20
N ASP B 55 7.71 4.96 25.99
CA ASP B 55 9.08 5.38 25.78
C ASP B 55 9.17 6.90 25.91
N PRO B 56 9.98 7.43 26.82
CA PRO B 56 10.08 8.88 26.96
C PRO B 56 10.63 9.52 25.69
N VAL B 57 10.13 10.71 25.38
CA VAL B 57 10.60 11.47 24.23
C VAL B 57 11.87 12.22 24.63
N ASP B 58 13.02 11.66 24.31
CA ASP B 58 14.29 12.31 24.60
C ASP B 58 14.66 13.23 23.44
N GLY B 59 15.87 13.74 23.45
CA GLY B 59 16.34 14.65 22.42
C GLY B 59 17.03 15.85 23.02
N VAL B 60 17.63 16.64 22.13
CA VAL B 60 18.31 17.88 22.51
C VAL B 60 17.88 18.98 21.56
N VAL B 61 18.13 20.22 21.98
CA VAL B 61 17.84 21.40 21.18
C VAL B 61 19.09 22.26 21.15
N LEU B 62 19.59 22.52 19.94
CA LEU B 62 20.76 23.38 19.76
C LEU B 62 20.27 24.81 19.54
N VAL B 63 20.50 25.67 20.53
CA VAL B 63 20.03 27.04 20.50
C VAL B 63 21.22 27.99 20.60
N ASP B 64 21.23 29.02 19.77
CA ASP B 64 22.32 29.98 19.77
C ASP B 64 22.20 30.91 20.98
N PRO B 65 23.17 30.93 21.89
CA PRO B 65 23.08 31.83 23.04
C PRO B 65 23.19 33.30 22.65
N GLU B 66 24.20 33.64 21.84
CA GLU B 66 24.50 35.02 21.50
C GLU B 66 23.86 35.44 20.18
N TYR B 67 22.89 34.67 19.69
CA TYR B 67 22.21 35.02 18.44
C TYR B 67 20.70 34.89 18.50
N LEU B 68 20.13 34.48 19.64
CA LEU B 68 18.68 34.37 19.80
C LEU B 68 18.09 35.59 20.49
N LYS B 69 18.87 36.68 20.61
CA LYS B 69 18.43 37.91 21.26
C LYS B 69 18.00 37.66 22.71
N GLU B 70 18.68 36.72 23.36
CA GLU B 70 18.46 36.41 24.77
C GLU B 70 17.01 36.05 25.05
N ARG B 71 16.50 35.07 24.31
CA ARG B 71 15.14 34.58 24.48
C ARG B 71 15.17 33.11 24.85
N ARG B 72 14.44 32.74 25.89
CA ARG B 72 14.36 31.34 26.30
C ARG B 72 13.56 30.54 25.27
N VAL B 73 13.94 29.27 25.08
CA VAL B 73 13.28 28.38 24.14
C VAL B 73 12.59 27.27 24.92
N TYR B 74 11.43 26.84 24.41
CA TYR B 74 10.60 25.85 25.09
C TYR B 74 10.33 24.68 24.14
N VAL B 75 10.01 23.52 24.73
CA VAL B 75 9.68 22.32 24.00
C VAL B 75 8.25 21.92 24.36
N THR B 76 7.42 21.68 23.36
CA THR B 76 6.00 21.42 23.56
C THR B 76 5.62 20.12 22.88
N LEU B 77 5.11 19.16 23.65
CA LEU B 77 4.58 17.91 23.10
C LEU B 77 3.07 18.03 23.04
N THR B 78 2.54 18.25 21.84
CA THR B 78 1.10 18.30 21.64
C THR B 78 0.57 16.90 21.36
N CYS B 79 -0.68 16.67 21.73
CA CYS B 79 -1.39 15.42 21.47
C CYS B 79 -2.68 15.71 20.74
N ALA B 80 -2.57 16.52 19.68
CA ALA B 80 -3.74 17.10 19.03
C ALA B 80 -4.72 16.04 18.56
N PHE B 81 -5.98 16.23 18.89
CA PHE B 81 -7.07 15.34 18.49
C PHE B 81 -7.97 16.14 17.54
N ARG B 82 -7.69 16.06 16.25
CA ARG B 82 -8.44 16.81 15.25
C ARG B 82 -9.65 15.99 14.81
N TYR B 83 -10.57 15.79 15.76
CA TYR B 83 -11.79 15.04 15.50
C TYR B 83 -12.79 15.38 16.61
N GLY B 84 -13.87 14.62 16.66
CA GLY B 84 -14.91 14.82 17.65
C GLY B 84 -16.27 14.46 17.05
N ARG B 85 -17.29 15.20 17.48
CA ARG B 85 -18.64 15.00 16.99
C ARG B 85 -18.81 15.66 15.62
N GLU B 86 -20.00 15.51 15.04
CA GLU B 86 -20.37 16.10 13.76
C GLU B 86 -19.60 15.47 12.60
N ASP B 87 -20.13 15.58 11.39
CA ASP B 87 -19.50 15.01 10.22
C ASP B 87 -19.76 15.89 9.01
N LEU B 88 -18.86 15.82 8.03
CA LEU B 88 -18.98 16.56 6.77
C LEU B 88 -19.12 18.06 7.00
N ASP B 89 -18.40 18.56 8.01
CA ASP B 89 -18.39 19.99 8.35
C ASP B 89 -19.80 20.51 8.58
N VAL B 90 -20.62 19.70 9.25
CA VAL B 90 -22.00 20.12 9.53
C VAL B 90 -22.02 21.25 10.55
N LEU B 91 -21.43 21.02 11.73
CA LEU B 91 -21.35 22.04 12.76
C LEU B 91 -19.98 22.03 13.41
N GLY B 92 -19.08 21.18 12.92
CA GLY B 92 -17.73 21.10 13.43
C GLY B 92 -16.70 20.98 12.33
N LEU B 93 -15.60 21.71 12.45
CA LEU B 93 -14.54 21.71 11.44
C LEU B 93 -13.20 21.75 12.15
N THR B 94 -12.49 20.62 12.16
CA THR B 94 -11.16 20.50 12.75
C THR B 94 -11.15 20.97 14.19
N PHE B 95 -11.92 20.31 15.07
CA PHE B 95 -12.00 20.68 16.48
C PHE B 95 -10.81 20.10 17.24
N ARG B 96 -9.66 20.72 17.06
CA ARG B 96 -8.42 20.30 17.71
C ARG B 96 -8.53 20.40 19.22
N LYS B 97 -8.43 19.26 19.90
CA LYS B 97 -8.41 19.20 21.34
C LYS B 97 -7.13 18.52 21.79
N ASP B 98 -6.22 19.29 22.39
CA ASP B 98 -4.93 18.77 22.84
C ASP B 98 -5.18 17.91 24.07
N LEU B 99 -5.17 16.59 23.87
CA LEU B 99 -5.42 15.66 24.97
C LEU B 99 -4.31 15.69 26.01
N PHE B 100 -3.11 16.12 25.62
CA PHE B 100 -1.99 16.23 26.55
C PHE B 100 -0.91 17.14 25.98
N VAL B 101 -0.58 18.22 26.68
CA VAL B 101 0.44 19.16 26.26
C VAL B 101 1.40 19.38 27.42
N ALA B 102 2.71 19.25 27.15
CA ALA B 102 3.75 19.44 28.14
C ALA B 102 4.77 20.45 27.62
N ASN B 103 5.10 21.43 28.45
CA ASN B 103 6.07 22.47 28.12
C ASN B 103 7.19 22.44 29.14
N VAL B 104 8.43 22.30 28.66
CA VAL B 104 9.61 22.30 29.51
C VAL B 104 10.56 23.38 29.02
N GLN B 105 11.15 24.12 29.96
CA GLN B 105 12.15 25.11 29.61
C GLN B 105 13.41 24.41 29.11
N SER B 106 13.91 24.85 27.95
CA SER B 106 15.08 24.24 27.35
C SER B 106 16.32 25.12 27.42
N PHE B 107 16.23 26.38 26.98
CA PHE B 107 17.40 27.25 27.03
C PHE B 107 17.90 27.46 28.45
N PRO B 108 17.08 27.84 29.41
CA PRO B 108 17.49 27.72 30.80
C PRO B 108 17.60 26.25 31.18
N PRO B 109 18.62 25.85 31.91
CA PRO B 109 18.79 24.41 32.19
C PRO B 109 17.86 23.92 33.28
N ALA B 110 16.60 24.34 33.23
CA ALA B 110 15.53 23.93 34.13
C ALA B 110 15.83 24.28 35.58
N PRO B 111 14.83 24.27 36.47
CA PRO B 111 15.12 24.39 37.90
C PRO B 111 15.60 23.07 38.49
N GLU B 112 16.90 22.98 38.77
CA GLU B 112 17.51 21.80 39.39
C GLU B 112 17.08 20.52 38.68
N ASP B 113 17.46 20.44 37.40
CA ASP B 113 17.07 19.31 36.55
C ASP B 113 17.84 18.07 36.96
N LYS B 114 17.35 17.39 38.00
CA LYS B 114 17.96 16.15 38.47
C LYS B 114 17.16 14.96 37.91
N LYS B 115 17.37 14.71 36.62
CA LYS B 115 16.70 13.64 35.90
C LYS B 115 17.70 12.99 34.97
N PRO B 116 17.49 11.71 34.62
CA PRO B 116 18.37 11.07 33.65
C PRO B 116 18.29 11.75 32.28
N LEU B 117 19.43 11.79 31.59
CA LEU B 117 19.52 12.39 30.27
C LEU B 117 19.37 11.38 29.13
N THR B 118 19.23 10.10 29.44
CA THR B 118 19.17 9.00 28.47
C THR B 118 20.45 8.90 27.64
N ARG B 119 20.68 7.74 27.03
CA ARG B 119 21.85 7.57 26.18
C ARG B 119 21.75 8.37 24.90
N LEU B 120 20.55 8.75 24.48
CA LEU B 120 20.39 9.54 23.27
C LEU B 120 20.97 10.94 23.45
N GLN B 121 20.61 11.61 24.55
CA GLN B 121 21.09 12.96 24.79
C GLN B 121 22.45 13.00 25.46
N GLU B 122 22.96 11.87 25.95
CA GLU B 122 24.29 11.86 26.54
C GLU B 122 25.37 12.06 25.48
N ARG B 123 25.28 11.30 24.38
CA ARG B 123 26.25 11.45 23.31
C ARG B 123 25.98 12.68 22.46
N LEU B 124 24.71 13.04 22.26
CA LEU B 124 24.38 14.20 21.44
C LEU B 124 24.91 15.49 22.06
N ILE B 125 24.76 15.64 23.38
CA ILE B 125 25.17 16.87 24.04
C ILE B 125 26.68 17.07 23.92
N LYS B 126 27.45 16.00 24.13
CA LYS B 126 28.89 16.11 23.99
C LYS B 126 29.29 16.40 22.55
N LYS B 127 28.55 15.86 21.58
CA LYS B 127 28.90 16.05 20.18
C LYS B 127 28.67 17.51 19.75
N LEU B 128 27.50 18.07 20.07
CA LEU B 128 27.19 19.43 19.64
C LEU B 128 27.91 20.46 20.50
N GLY B 129 28.08 20.18 21.79
CA GLY B 129 28.81 21.06 22.68
C GLY B 129 27.93 21.60 23.80
N GLU B 130 28.24 22.82 24.23
CA GLU B 130 27.55 23.46 25.35
C GLU B 130 26.31 24.23 24.92
N HIS B 131 26.04 24.33 23.62
CA HIS B 131 24.90 25.08 23.12
C HIS B 131 23.68 24.19 22.88
N ALA B 132 23.76 22.91 23.23
CA ALA B 132 22.66 21.97 23.05
C ALA B 132 22.14 21.55 24.42
N TYR B 133 20.82 21.67 24.61
CA TYR B 133 20.20 21.39 25.90
C TYR B 133 19.10 20.35 25.71
N PRO B 134 19.05 19.31 26.53
CA PRO B 134 18.11 18.22 26.30
C PRO B 134 16.69 18.60 26.71
N PHE B 135 15.76 17.68 26.41
CA PHE B 135 14.39 17.79 26.85
C PHE B 135 13.77 16.40 26.83
N THR B 136 13.07 16.04 27.90
CA THR B 136 12.47 14.72 28.04
C THR B 136 10.97 14.88 28.26
N PHE B 137 10.19 13.98 27.65
CA PHE B 137 8.73 14.06 27.66
C PHE B 137 8.16 12.70 28.05
N GLU B 138 7.93 12.48 29.33
CA GLU B 138 7.30 11.24 29.79
C GLU B 138 5.84 11.27 29.34
N ILE B 139 5.52 10.48 28.32
CA ILE B 139 4.15 10.45 27.79
C ILE B 139 3.25 9.75 28.79
N PRO B 140 2.04 10.26 29.03
CA PRO B 140 1.16 9.60 30.00
C PRO B 140 0.79 8.21 29.53
N PRO B 141 0.58 7.28 30.46
CA PRO B 141 0.22 5.90 30.06
C PRO B 141 -1.13 5.80 29.34
N ASN B 142 -2.19 6.28 29.97
CA ASN B 142 -3.55 6.12 29.43
C ASN B 142 -3.85 7.25 28.46
N LEU B 143 -3.12 7.25 27.36
CA LEU B 143 -3.24 8.27 26.34
C LEU B 143 -3.25 7.58 24.97
N PRO B 144 -4.01 8.10 24.00
CA PRO B 144 -4.20 7.38 22.74
C PRO B 144 -2.94 7.17 21.93
N CYS B 145 -2.97 6.15 21.07
CA CYS B 145 -1.93 5.92 20.08
C CYS B 145 -2.24 6.73 18.85
N SER B 146 -1.19 7.08 18.09
CA SER B 146 -1.39 7.87 16.89
C SER B 146 -2.15 7.07 15.85
N VAL B 147 -3.41 7.45 15.63
CA VAL B 147 -4.27 6.78 14.64
C VAL B 147 -4.94 7.82 13.76
N THR B 148 -4.34 8.10 12.61
CA THR B 148 -4.89 9.08 11.68
C THR B 148 -6.06 8.51 10.90
N LEU B 149 -7.21 9.15 11.01
CA LEU B 149 -8.38 8.75 10.23
C LEU B 149 -8.12 8.94 8.75
N GLN B 150 -8.64 8.02 7.94
CA GLN B 150 -8.40 8.08 6.51
C GLN B 150 -9.08 9.31 5.90
N PRO B 151 -8.36 10.20 5.24
CA PRO B 151 -9.00 11.33 4.58
C PRO B 151 -9.75 10.89 3.34
N GLY B 152 -10.75 11.69 2.97
CA GLY B 152 -11.47 11.47 1.75
C GLY B 152 -10.60 11.78 0.54
N PRO B 153 -11.04 11.34 -0.64
CA PRO B 153 -10.26 11.63 -1.86
C PRO B 153 -10.05 13.13 -2.08
N GLU B 154 -11.06 13.95 -1.78
CA GLU B 154 -10.90 15.39 -1.87
C GLU B 154 -10.13 15.94 -0.67
N ASP B 155 -10.30 15.31 0.49
CA ASP B 155 -9.64 15.79 1.70
C ASP B 155 -8.13 15.60 1.62
N THR B 156 -7.39 16.61 2.07
CA THR B 156 -5.94 16.57 2.06
C THR B 156 -5.43 17.52 3.15
N GLY B 157 -4.09 17.57 3.28
CA GLY B 157 -3.50 18.43 4.30
C GLY B 157 -3.70 17.88 5.69
N LYS B 158 -4.22 18.72 6.58
CA LYS B 158 -4.41 18.31 7.97
C LYS B 158 -5.55 17.30 8.07
N ALA B 159 -5.19 16.05 8.36
CA ALA B 159 -6.17 14.98 8.51
C ALA B 159 -6.70 14.93 9.94
N CYS B 160 -7.45 13.89 10.26
CA CYS B 160 -8.08 13.76 11.56
C CYS B 160 -7.27 12.82 12.44
N GLY B 161 -7.80 12.55 13.63
CA GLY B 161 -7.24 11.59 14.54
C GLY B 161 -6.13 12.18 15.38
N VAL B 162 -5.72 11.43 16.39
CA VAL B 162 -4.66 11.83 17.30
C VAL B 162 -3.35 11.91 16.54
N ASP B 163 -2.62 13.02 16.73
CA ASP B 163 -1.28 13.14 16.15
C ASP B 163 -0.36 13.88 17.11
N TYR B 164 0.65 13.17 17.62
CA TYR B 164 1.62 13.76 18.53
C TYR B 164 2.55 14.69 17.76
N GLU B 165 3.19 15.61 18.47
CA GLU B 165 4.13 16.53 17.85
C GLU B 165 5.05 17.09 18.93
N VAL B 166 6.35 17.03 18.70
CA VAL B 166 7.33 17.69 19.55
C VAL B 166 7.68 19.02 18.92
N LYS B 167 7.28 20.11 19.58
CA LYS B 167 7.38 21.44 19.01
C LYS B 167 8.26 22.29 19.91
N ALA B 168 9.43 22.67 19.38
CA ALA B 168 10.36 23.53 20.10
C ALA B 168 10.32 24.92 19.48
N PHE B 169 10.03 25.91 20.30
CA PHE B 169 9.92 27.30 19.85
C PHE B 169 10.76 28.20 20.76
N CYS B 170 11.04 29.40 20.26
CA CYS B 170 11.81 30.39 20.99
C CYS B 170 10.87 31.52 21.40
N ALA B 171 10.49 31.53 22.66
CA ALA B 171 9.52 32.49 23.19
C ALA B 171 9.93 32.90 24.60
N GLU B 172 9.91 34.21 24.86
CA GLU B 172 10.33 34.71 26.17
C GLU B 172 9.46 34.15 27.28
N ASN B 173 8.16 34.08 27.04
CA ASN B 173 7.23 33.42 27.95
C ASN B 173 6.43 32.41 27.15
N LEU B 174 5.66 31.58 27.86
CA LEU B 174 4.90 30.53 27.20
C LEU B 174 3.91 31.12 26.20
N GLU B 175 3.38 32.31 26.50
CA GLU B 175 2.47 33.00 25.59
C GLU B 175 3.23 34.13 24.91
N GLU B 176 3.88 33.83 23.77
CA GLU B 176 4.56 34.85 22.99
C GLU B 176 4.29 34.70 21.50
N LYS B 177 3.11 34.17 21.15
CA LYS B 177 2.63 34.02 19.77
C LYS B 177 3.39 32.94 19.00
N ILE B 178 4.42 32.35 19.64
CA ILE B 178 5.17 31.22 19.09
C ILE B 178 5.57 31.50 17.65
N HIS B 179 6.45 32.48 17.44
CA HIS B 179 6.83 32.96 16.11
C HIS B 179 7.12 31.82 15.14
N LYS B 180 6.48 31.86 13.97
CA LYS B 180 6.54 30.73 13.04
C LYS B 180 7.93 30.58 12.43
N ARG B 181 8.71 31.66 12.39
CA ARG B 181 10.06 31.57 11.84
C ARG B 181 10.91 30.59 12.63
N ASN B 182 10.77 30.57 13.96
CA ASN B 182 11.48 29.63 14.82
C ASN B 182 10.47 28.96 15.74
N SER B 183 9.77 27.96 15.21
CA SER B 183 8.81 27.18 15.98
C SER B 183 8.87 25.70 15.60
N VAL B 184 10.07 25.15 15.51
CA VAL B 184 10.31 23.81 14.99
C VAL B 184 9.36 22.79 15.61
N ARG B 185 8.68 22.01 14.77
CA ARG B 185 7.76 20.98 15.23
C ARG B 185 8.12 19.67 14.54
N LEU B 186 8.32 18.62 15.34
CA LEU B 186 8.64 17.29 14.83
C LEU B 186 7.48 16.36 15.15
N VAL B 187 6.99 15.66 14.13
CA VAL B 187 5.85 14.76 14.30
C VAL B 187 6.35 13.40 14.76
N ILE B 188 5.71 12.85 15.79
CA ILE B 188 6.05 11.54 16.34
C ILE B 188 4.78 10.72 16.46
N ARG B 189 4.95 9.45 16.80
CA ARG B 189 3.82 8.54 17.02
C ARG B 189 3.99 7.80 18.33
N LYS B 190 2.86 7.52 18.97
CA LYS B 190 2.84 6.60 20.10
C LYS B 190 2.36 5.24 19.63
N VAL B 191 3.13 4.61 18.75
CA VAL B 191 2.69 3.35 18.15
C VAL B 191 2.67 2.24 19.18
N GLN B 192 1.94 1.18 18.87
CA GLN B 192 1.79 0.02 19.74
C GLN B 192 1.94 -1.25 18.92
N TYR B 193 2.55 -2.27 19.53
CA TYR B 193 2.85 -3.52 18.84
C TYR B 193 2.20 -4.69 19.56
N ALA B 194 1.92 -5.74 18.80
CA ALA B 194 1.12 -6.84 19.30
C ALA B 194 1.83 -7.56 20.45
N PRO B 195 1.07 -8.06 21.42
CA PRO B 195 1.68 -8.80 22.53
C PRO B 195 2.35 -10.09 22.05
N GLU B 196 3.35 -10.51 22.81
CA GLU B 196 4.09 -11.74 22.52
C GLU B 196 3.56 -12.93 23.33
N ARG B 197 2.27 -12.90 23.66
CA ARG B 197 1.65 -13.96 24.45
C ARG B 197 0.15 -13.97 24.23
N PRO B 198 -0.36 -14.73 23.26
CA PRO B 198 -1.81 -14.81 23.05
C PRO B 198 -2.45 -15.82 24.00
N GLY B 199 -3.70 -15.54 24.36
CA GLY B 199 -4.40 -16.33 25.33
C GLY B 199 -5.58 -17.11 24.75
N PRO B 200 -6.79 -16.60 24.98
CA PRO B 200 -7.99 -17.35 24.60
C PRO B 200 -8.21 -17.33 23.09
N GLN B 201 -9.21 -18.13 22.68
CA GLN B 201 -9.59 -18.23 21.28
C GLN B 201 -10.91 -17.51 21.05
N PRO B 202 -11.05 -16.74 19.97
CA PRO B 202 -12.28 -15.99 19.76
C PRO B 202 -13.49 -16.87 19.47
N THR B 203 -13.86 -17.73 20.42
CA THR B 203 -14.98 -18.64 20.25
C THR B 203 -16.20 -18.07 20.95
N ALA B 204 -17.25 -17.78 20.18
CA ALA B 204 -18.51 -17.30 20.73
C ALA B 204 -19.64 -17.73 19.81
N GLU B 205 -20.66 -18.34 20.39
CA GLU B 205 -21.77 -18.92 19.64
C GLU B 205 -23.06 -18.19 19.98
N THR B 206 -23.95 -18.12 18.98
CA THR B 206 -25.27 -17.54 19.16
C THR B 206 -26.31 -18.57 18.75
N THR B 207 -27.47 -18.51 19.41
CA THR B 207 -28.59 -19.40 19.10
C THR B 207 -29.86 -18.57 19.00
N ARG B 208 -30.76 -18.99 18.11
CA ARG B 208 -32.02 -18.29 17.93
C ARG B 208 -33.11 -19.32 17.61
N GLN B 209 -34.19 -19.30 18.39
CA GLN B 209 -35.34 -20.13 18.09
C GLN B 209 -36.17 -19.50 16.99
N PHE B 210 -35.78 -19.72 15.74
CA PHE B 210 -36.48 -19.12 14.60
C PHE B 210 -37.93 -19.54 14.57
N LEU B 211 -38.82 -18.59 14.80
CA LEU B 211 -40.27 -18.81 14.79
C LEU B 211 -40.70 -19.82 15.84
N MET B 212 -39.81 -20.12 16.79
CA MET B 212 -40.08 -21.04 17.89
C MET B 212 -40.49 -22.41 17.38
N SER B 213 -39.97 -22.78 16.22
CA SER B 213 -40.34 -24.04 15.58
C SER B 213 -39.55 -25.21 16.15
N ASP B 214 -38.23 -25.19 15.98
CA ASP B 214 -37.38 -26.30 16.36
C ASP B 214 -36.28 -25.79 17.31
N LYS B 215 -35.31 -26.66 17.62
CA LYS B 215 -34.20 -26.25 18.47
C LYS B 215 -33.40 -25.14 17.79
N PRO B 216 -32.86 -24.18 18.54
CA PRO B 216 -32.17 -23.05 17.92
C PRO B 216 -30.95 -23.50 17.14
N LEU B 217 -30.69 -22.84 16.02
CA LEU B 217 -29.49 -23.12 15.24
C LEU B 217 -28.25 -22.70 16.02
N HIS B 218 -27.21 -23.53 15.95
CA HIS B 218 -25.96 -23.29 16.67
C HIS B 218 -24.95 -22.69 15.69
N LEU B 219 -24.67 -21.40 15.85
CA LEU B 219 -23.63 -20.72 15.07
C LEU B 219 -22.38 -20.58 15.94
N GLU B 220 -21.66 -21.71 16.05
CA GLU B 220 -20.48 -21.79 16.92
C GLU B 220 -19.20 -21.44 16.16
N ALA B 221 -19.20 -20.25 15.57
CA ALA B 221 -18.06 -19.78 14.80
C ALA B 221 -16.89 -19.46 15.73
N SER B 222 -15.67 -19.62 15.21
CA SER B 222 -14.48 -19.26 15.94
C SER B 222 -13.38 -18.88 14.96
N LEU B 223 -12.43 -18.09 15.45
CA LEU B 223 -11.27 -17.73 14.65
C LEU B 223 -10.17 -18.77 14.85
N ASP B 224 -9.00 -18.48 14.27
CA ASP B 224 -7.86 -19.38 14.39
C ASP B 224 -6.84 -18.91 15.40
N LYS B 225 -6.76 -17.61 15.68
CA LYS B 225 -5.73 -17.05 16.55
C LYS B 225 -6.24 -15.73 17.10
N GLU B 226 -5.91 -15.45 18.37
CA GLU B 226 -6.40 -14.24 19.01
C GLU B 226 -5.85 -12.99 18.32
N ILE B 227 -4.57 -12.99 17.98
CA ILE B 227 -3.88 -11.81 17.47
C ILE B 227 -3.50 -12.06 16.02
N TYR B 228 -3.98 -11.22 15.12
CA TYR B 228 -3.66 -11.32 13.70
C TYR B 228 -2.85 -10.10 13.29
N TYR B 229 -1.64 -10.33 12.80
CA TYR B 229 -0.80 -9.24 12.33
C TYR B 229 -1.40 -8.65 11.06
N HIS B 230 -0.90 -7.47 10.69
CA HIS B 230 -1.44 -6.78 9.53
C HIS B 230 -1.07 -7.54 8.26
N GLY B 231 -2.08 -7.98 7.52
CA GLY B 231 -1.90 -8.75 6.31
C GLY B 231 -2.04 -10.25 6.50
N GLU B 232 -1.90 -10.76 7.72
CA GLU B 232 -2.06 -12.18 7.97
C GLU B 232 -3.51 -12.59 7.80
N PRO B 233 -3.77 -13.84 7.41
CA PRO B 233 -5.15 -14.28 7.18
C PRO B 233 -5.92 -14.50 8.46
N ILE B 234 -7.24 -14.38 8.34
CA ILE B 234 -8.19 -14.68 9.40
C ILE B 234 -8.98 -15.92 9.00
N SER B 235 -8.91 -16.97 9.80
CA SER B 235 -9.63 -18.21 9.53
C SER B 235 -10.93 -18.18 10.32
N VAL B 236 -12.02 -17.81 9.63
CA VAL B 236 -13.35 -17.76 10.24
C VAL B 236 -14.00 -19.12 10.00
N ASN B 237 -14.16 -19.91 11.06
CA ASN B 237 -14.73 -21.25 10.93
C ASN B 237 -16.22 -21.20 11.22
N VAL B 238 -16.98 -20.81 10.20
CA VAL B 238 -18.44 -20.71 10.32
C VAL B 238 -19.01 -22.11 10.46
N HIS B 239 -19.54 -22.42 11.64
CA HIS B 239 -20.17 -23.71 11.90
C HIS B 239 -21.64 -23.48 12.19
N VAL B 240 -22.52 -24.10 11.40
CA VAL B 240 -23.96 -23.89 11.47
C VAL B 240 -24.65 -25.24 11.53
N THR B 241 -25.64 -25.35 12.42
CA THR B 241 -26.55 -26.49 12.45
C THR B 241 -27.98 -25.95 12.44
N ASN B 242 -28.50 -25.70 11.25
CA ASN B 242 -29.82 -25.11 11.09
C ASN B 242 -30.89 -26.18 11.27
N ASN B 243 -31.44 -26.31 12.47
CA ASN B 243 -32.50 -27.27 12.74
C ASN B 243 -33.89 -26.73 12.42
N THR B 244 -34.04 -25.41 12.33
CA THR B 244 -35.34 -24.83 12.04
C THR B 244 -35.70 -25.07 10.58
N ASN B 245 -36.98 -24.83 10.26
CA ASN B 245 -37.46 -25.04 8.90
C ASN B 245 -36.81 -24.08 7.92
N LYS B 246 -36.40 -22.90 8.38
CA LYS B 246 -35.78 -21.92 7.50
C LYS B 246 -34.38 -22.36 7.09
N THR B 247 -34.04 -22.06 5.84
CA THR B 247 -32.72 -22.34 5.29
C THR B 247 -32.07 -21.03 4.88
N VAL B 248 -30.75 -20.98 5.03
CA VAL B 248 -30.01 -19.74 4.82
C VAL B 248 -29.76 -19.53 3.33
N LYS B 249 -30.04 -18.31 2.86
CA LYS B 249 -29.77 -17.98 1.46
C LYS B 249 -28.29 -17.72 1.22
N LYS B 250 -27.62 -17.09 2.19
CA LYS B 250 -26.20 -16.78 2.07
C LYS B 250 -25.63 -16.54 3.45
N ILE B 251 -24.36 -16.94 3.62
CA ILE B 251 -23.62 -16.73 4.86
C ILE B 251 -22.52 -15.72 4.59
N LYS B 252 -22.49 -14.66 5.39
CA LYS B 252 -21.53 -13.57 5.22
C LYS B 252 -20.69 -13.45 6.48
N ILE B 253 -19.37 -13.50 6.32
CA ILE B 253 -18.42 -13.25 7.39
C ILE B 253 -17.71 -11.96 7.08
N SER B 254 -17.88 -10.95 7.94
CA SER B 254 -17.32 -9.62 7.71
C SER B 254 -16.50 -9.20 8.91
N VAL B 255 -15.36 -8.58 8.63
CA VAL B 255 -14.44 -8.05 9.65
C VAL B 255 -14.70 -6.56 9.79
N ARG B 256 -14.99 -6.12 11.01
CA ARG B 256 -15.39 -4.75 11.27
C ARG B 256 -14.34 -4.04 12.13
N GLN B 257 -14.12 -2.77 11.83
CA GLN B 257 -13.19 -1.92 12.58
C GLN B 257 -14.00 -1.00 13.47
N TYR B 258 -13.99 -1.28 14.77
CA TYR B 258 -14.78 -0.50 15.73
C TYR B 258 -13.96 0.70 16.17
N ALA B 259 -14.06 1.79 15.41
CA ALA B 259 -13.37 3.04 15.74
C ALA B 259 -14.23 3.78 16.75
N ASP B 260 -13.88 3.66 18.03
CA ASP B 260 -14.67 4.25 19.11
C ASP B 260 -14.02 5.58 19.48
N ILE B 261 -14.45 6.63 18.77
CA ILE B 261 -13.95 7.98 19.03
C ILE B 261 -14.50 8.47 20.35
N CYS B 262 -13.64 8.63 21.34
CA CYS B 262 -14.06 8.98 22.69
C CYS B 262 -14.14 10.48 22.93
N LEU B 263 -13.93 11.30 21.90
CA LEU B 263 -14.10 12.74 22.06
C LEU B 263 -15.53 13.10 22.45
N PHE B 264 -16.50 12.47 21.78
CA PHE B 264 -17.90 12.56 22.20
C PHE B 264 -18.19 11.45 23.20
N ASN B 265 -19.47 11.23 23.51
CA ASN B 265 -19.85 10.21 24.47
C ASN B 265 -19.75 8.84 23.80
N THR B 266 -18.51 8.42 23.54
CA THR B 266 -18.19 7.13 22.94
C THR B 266 -18.91 6.94 21.61
N ALA B 267 -18.62 7.85 20.67
CA ALA B 267 -19.23 7.84 19.34
C ALA B 267 -18.54 6.76 18.50
N GLN B 268 -18.90 5.50 18.78
CA GLN B 268 -18.29 4.37 18.09
C GLN B 268 -18.73 4.34 16.64
N TYR B 269 -17.77 4.19 15.73
CA TYR B 269 -18.02 4.15 14.29
C TYR B 269 -17.54 2.81 13.76
N LYS B 270 -18.42 1.81 13.79
CA LYS B 270 -18.09 0.50 13.23
C LYS B 270 -17.95 0.61 11.71
N CYS B 271 -16.96 -0.09 11.16
CA CYS B 271 -16.74 -0.08 9.73
C CYS B 271 -16.22 -1.44 9.25
N PRO B 272 -16.90 -2.08 8.31
CA PRO B 272 -16.41 -3.36 7.81
C PRO B 272 -15.23 -3.16 6.87
N VAL B 273 -14.17 -3.94 7.08
CA VAL B 273 -12.96 -3.84 6.28
C VAL B 273 -12.72 -5.04 5.37
N ALA B 274 -13.34 -6.18 5.66
CA ALA B 274 -13.22 -7.35 4.81
C ALA B 274 -14.51 -8.15 4.89
N MET B 275 -14.97 -8.63 3.73
CA MET B 275 -16.22 -9.35 3.63
C MET B 275 -16.01 -10.65 2.88
N GLU B 276 -16.67 -11.71 3.37
CA GLU B 276 -16.67 -13.01 2.70
C GLU B 276 -18.10 -13.55 2.75
N GLU B 277 -18.87 -13.21 1.73
CA GLU B 277 -20.27 -13.61 1.64
C GLU B 277 -20.43 -14.60 0.50
N ALA B 278 -20.19 -15.87 0.79
CA ALA B 278 -20.33 -16.94 -0.21
C ALA B 278 -21.76 -17.45 -0.16
N ASP B 279 -22.32 -17.72 -1.33
CA ASP B 279 -23.73 -18.11 -1.45
C ASP B 279 -23.96 -19.55 -1.02
N ASP B 280 -22.99 -20.15 -0.34
CA ASP B 280 -23.16 -21.50 0.19
C ASP B 280 -24.38 -21.55 1.09
N THR B 281 -25.25 -22.52 0.83
CA THR B 281 -26.55 -22.63 1.50
C THR B 281 -26.59 -23.87 2.36
N VAL B 282 -27.25 -23.75 3.52
CA VAL B 282 -27.40 -24.85 4.46
C VAL B 282 -28.85 -25.33 4.41
N ALA B 283 -29.04 -26.63 4.25
CA ALA B 283 -30.37 -27.21 4.19
C ALA B 283 -30.98 -27.30 5.60
N PRO B 284 -32.30 -27.27 5.70
CA PRO B 284 -32.93 -27.49 7.00
C PRO B 284 -32.59 -28.87 7.54
N SER B 285 -32.44 -28.94 8.87
CA SER B 285 -32.05 -30.16 9.57
C SER B 285 -30.74 -30.72 9.00
N SER B 286 -29.77 -29.83 8.84
CA SER B 286 -28.47 -30.20 8.27
C SER B 286 -27.38 -29.39 8.93
N THR B 287 -26.15 -29.89 8.82
CA THR B 287 -24.97 -29.25 9.38
C THR B 287 -24.13 -28.63 8.27
N PHE B 288 -23.21 -27.74 8.67
CA PHE B 288 -22.36 -27.03 7.72
C PHE B 288 -21.15 -26.50 8.47
N CYS B 289 -19.98 -26.60 7.84
CA CYS B 289 -18.74 -26.13 8.46
C CYS B 289 -17.71 -25.88 7.37
N LYS B 290 -17.39 -24.62 7.11
CA LYS B 290 -16.40 -24.25 6.11
C LYS B 290 -15.67 -23.00 6.59
N VAL B 291 -14.34 -23.06 6.59
CA VAL B 291 -13.52 -21.97 7.09
C VAL B 291 -13.55 -20.83 6.07
N TYR B 292 -13.91 -19.64 6.54
CA TYR B 292 -14.08 -18.48 5.66
C TYR B 292 -12.85 -17.58 5.75
N THR B 293 -11.75 -18.09 5.23
CA THR B 293 -10.49 -17.35 5.30
C THR B 293 -10.58 -16.04 4.54
N LEU B 294 -10.22 -14.95 5.21
CA LEU B 294 -10.28 -13.62 4.61
C LEU B 294 -9.22 -12.75 5.27
N THR B 295 -8.87 -11.65 4.60
CA THR B 295 -7.81 -10.79 5.10
C THR B 295 -8.19 -9.33 4.89
N PRO B 296 -8.04 -8.48 5.91
CA PRO B 296 -8.28 -7.05 5.72
C PRO B 296 -7.02 -6.33 5.24
N PHE B 297 -7.22 -5.44 4.27
CA PHE B 297 -6.13 -4.67 3.71
C PHE B 297 -6.67 -3.32 3.28
N LEU B 298 -5.83 -2.52 2.63
CA LEU B 298 -6.17 -1.14 2.29
C LEU B 298 -6.68 -0.98 0.86
N ALA B 299 -6.35 -1.92 -0.03
CA ALA B 299 -6.77 -1.77 -1.43
C ALA B 299 -8.29 -1.77 -1.54
N ASN B 300 -8.96 -2.73 -0.90
CA ASN B 300 -10.42 -2.77 -0.97
C ASN B 300 -11.08 -1.74 -0.06
N ASN B 301 -10.35 -1.20 0.92
CA ASN B 301 -10.89 -0.21 1.83
C ASN B 301 -10.28 1.18 1.61
N ARG B 302 -9.70 1.43 0.44
CA ARG B 302 -9.20 2.77 0.14
C ARG B 302 -10.34 3.75 -0.09
N GLU B 303 -11.47 3.25 -0.60
CA GLU B 303 -12.61 4.13 -0.86
C GLU B 303 -13.29 4.60 0.42
N LYS B 304 -13.33 3.75 1.45
CA LYS B 304 -14.08 4.06 2.66
C LYS B 304 -13.39 5.19 3.42
N ARG B 305 -13.91 6.40 3.27
CA ARG B 305 -13.41 7.54 4.03
C ARG B 305 -13.80 7.42 5.49
N GLY B 306 -13.09 8.16 6.34
CA GLY B 306 -13.32 8.07 7.77
C GLY B 306 -12.77 6.83 8.43
N LEU B 307 -11.99 6.03 7.70
CA LEU B 307 -11.43 4.79 8.24
C LEU B 307 -10.22 5.09 9.11
N ALA B 308 -10.09 4.37 10.22
CA ALA B 308 -8.98 4.59 11.14
C ALA B 308 -7.74 3.89 10.61
N LEU B 309 -6.70 4.67 10.30
CA LEU B 309 -5.42 4.15 9.84
C LEU B 309 -4.36 4.43 10.88
N ASP B 310 -3.25 3.70 10.78
CA ASP B 310 -2.12 3.92 11.67
C ASP B 310 -1.55 5.32 11.44
N GLY B 311 -1.10 5.94 12.52
CA GLY B 311 -0.66 7.32 12.50
C GLY B 311 0.37 7.63 11.43
N LYS B 312 0.17 8.72 10.71
CA LYS B 312 1.02 9.09 9.59
C LYS B 312 1.83 10.33 9.94
N LEU B 313 3.15 10.21 9.80
CA LEU B 313 4.01 11.38 9.96
C LEU B 313 3.93 12.29 8.76
N LYS B 314 3.45 11.77 7.63
CA LYS B 314 3.30 12.55 6.41
C LYS B 314 2.13 11.99 5.60
N HIS B 315 2.09 12.29 4.31
CA HIS B 315 1.09 11.74 3.41
C HIS B 315 1.43 10.32 2.98
N GLU B 316 2.34 9.66 3.71
CA GLU B 316 2.69 8.27 3.43
C GLU B 316 1.48 7.36 3.64
N ASP B 317 1.45 6.27 2.90
CA ASP B 317 0.41 5.26 3.06
C ASP B 317 0.72 4.41 4.27
N THR B 318 -0.25 4.24 5.16
CA THR B 318 -0.10 3.38 6.33
C THR B 318 -1.20 2.33 6.34
N ASN B 319 -0.97 1.29 7.14
CA ASN B 319 -1.90 0.19 7.25
C ASN B 319 -3.16 0.62 7.99
N LEU B 320 -4.10 -0.31 8.15
CA LEU B 320 -5.24 -0.07 9.01
C LEU B 320 -4.77 0.10 10.44
N ALA B 321 -5.45 0.97 11.19
CA ALA B 321 -5.04 1.26 12.55
C ALA B 321 -5.00 -0.01 13.38
N SER B 322 -3.91 -0.19 14.11
CA SER B 322 -3.77 -1.36 14.97
C SER B 322 -4.79 -1.30 16.09
N SER B 323 -5.22 -2.47 16.56
CA SER B 323 -6.15 -2.53 17.68
C SER B 323 -5.56 -1.81 18.89
N THR B 324 -6.18 -0.70 19.26
CA THR B 324 -5.66 0.10 20.36
C THR B 324 -5.88 -0.62 21.69
N LEU B 325 -4.83 -0.71 22.49
CA LEU B 325 -4.92 -1.30 23.81
C LEU B 325 -4.14 -0.42 24.78
N LEU B 326 -4.54 -0.46 26.05
CA LEU B 326 -3.90 0.33 27.08
C LEU B 326 -3.94 -0.44 28.39
N ARG B 327 -3.27 0.11 29.40
CA ARG B 327 -3.18 -0.57 30.69
C ARG B 327 -4.57 -0.79 31.27
N GLU B 328 -4.86 -2.04 31.63
CA GLU B 328 -6.18 -2.44 32.11
C GLU B 328 -7.26 -2.03 31.11
N GLY B 329 -6.94 -2.20 29.83
CA GLY B 329 -7.85 -1.75 28.79
C GLY B 329 -7.95 -0.22 28.81
N ALA B 330 -9.18 0.28 28.65
CA ALA B 330 -9.44 1.71 28.68
C ALA B 330 -9.69 2.17 30.12
N ASN B 331 -8.66 2.02 30.94
CA ASN B 331 -8.80 2.32 32.37
C ASN B 331 -9.13 3.79 32.60
N ARG B 332 -8.42 4.69 31.91
CA ARG B 332 -8.62 6.12 32.08
C ARG B 332 -8.62 6.81 30.71
N GLU B 333 -9.29 6.18 29.74
CA GLU B 333 -9.39 6.73 28.39
C GLU B 333 -10.38 7.88 28.39
N ILE B 334 -9.86 9.08 28.68
CA ILE B 334 -10.69 10.27 28.70
C ILE B 334 -11.23 10.57 27.31
N LEU B 335 -10.34 10.54 26.31
CA LEU B 335 -10.73 10.81 24.93
C LEU B 335 -9.66 10.26 24.00
N GLY B 336 -10.07 9.88 22.81
CA GLY B 336 -9.16 9.38 21.80
C GLY B 336 -9.79 8.21 21.06
N ILE B 337 -9.23 7.91 19.89
CA ILE B 337 -9.75 6.84 19.04
C ILE B 337 -9.31 5.50 19.61
N ILE B 338 -10.27 4.71 20.08
CA ILE B 338 -9.99 3.34 20.51
C ILE B 338 -10.38 2.39 19.38
N VAL B 339 -9.43 2.10 18.49
CA VAL B 339 -9.71 1.20 17.37
C VAL B 339 -9.67 -0.23 17.88
N SER B 340 -10.75 -0.97 17.68
CA SER B 340 -10.83 -2.37 18.02
C SER B 340 -11.45 -3.12 16.86
N TYR B 341 -11.11 -4.40 16.75
CA TYR B 341 -11.55 -5.22 15.63
C TYR B 341 -12.37 -6.41 16.10
N LYS B 342 -13.33 -6.80 15.28
CA LYS B 342 -14.09 -8.03 15.48
C LYS B 342 -14.66 -8.44 14.13
N VAL B 343 -14.96 -9.73 14.02
CA VAL B 343 -15.51 -10.30 12.80
C VAL B 343 -16.99 -10.60 13.02
N LYS B 344 -17.80 -10.35 12.00
CA LYS B 344 -19.25 -10.52 12.08
C LYS B 344 -19.64 -11.75 11.26
N VAL B 345 -19.93 -12.85 11.96
CA VAL B 345 -20.33 -14.10 11.31
C VAL B 345 -21.85 -14.04 11.13
N LYS B 346 -22.29 -13.49 10.00
CA LYS B 346 -23.71 -13.32 9.75
C LYS B 346 -24.32 -14.63 9.27
N LEU B 347 -25.66 -14.70 9.27
CA LEU B 347 -26.37 -15.85 8.73
C LEU B 347 -27.72 -15.40 8.18
N VAL B 348 -27.77 -15.09 6.88
CA VAL B 348 -29.01 -14.59 6.28
C VAL B 348 -29.95 -15.76 6.05
N VAL B 349 -31.01 -15.86 6.86
CA VAL B 349 -31.93 -16.97 6.80
C VAL B 349 -33.19 -16.54 6.06
N SER B 350 -34.02 -17.50 5.67
CA SER B 350 -35.28 -17.24 5.00
C SER B 350 -36.27 -16.64 5.99
N ARG B 351 -37.22 -15.86 5.46
CA ARG B 351 -38.19 -15.16 6.29
C ARG B 351 -39.00 -16.13 7.16
N GLY B 352 -39.13 -15.82 8.44
CA GLY B 352 -39.90 -16.64 9.35
C GLY B 352 -41.35 -16.78 8.94
N GLY B 353 -41.87 -18.01 8.96
CA GLY B 353 -43.24 -18.23 8.53
C GLY B 353 -43.37 -17.97 7.04
N LEU B 354 -44.30 -17.09 6.69
CA LEU B 354 -44.49 -16.73 5.29
C LEU B 354 -43.27 -15.98 4.76
N LEU B 355 -42.83 -16.35 3.56
CA LEU B 355 -41.66 -15.75 2.93
C LEU B 355 -42.12 -15.01 1.67
N GLY B 356 -42.05 -13.69 1.70
CA GLY B 356 -42.42 -12.85 0.58
C GLY B 356 -41.26 -12.30 -0.22
N ASP B 357 -40.04 -12.85 -0.06
CA ASP B 357 -38.85 -12.38 -0.75
C ASP B 357 -38.56 -10.91 -0.46
N LEU B 358 -38.99 -10.44 0.70
CA LEU B 358 -38.74 -9.06 1.12
C LEU B 358 -38.11 -8.94 2.50
N ALA B 359 -38.17 -9.97 3.33
CA ALA B 359 -37.58 -9.94 4.65
C ALA B 359 -36.75 -11.21 4.86
N SER B 360 -35.79 -11.12 5.77
CA SER B 360 -34.90 -12.24 6.05
C SER B 360 -34.32 -12.08 7.44
N SER B 361 -34.45 -13.13 8.26
CA SER B 361 -33.83 -13.12 9.58
C SER B 361 -32.32 -13.10 9.43
N ASP B 362 -31.64 -12.40 10.33
CA ASP B 362 -30.22 -12.11 10.16
C ASP B 362 -29.39 -12.52 11.37
N VAL B 363 -29.54 -13.76 11.82
CA VAL B 363 -28.70 -14.27 12.90
C VAL B 363 -27.23 -14.01 12.57
N ALA B 364 -26.49 -13.54 13.57
CA ALA B 364 -25.09 -13.19 13.38
C ALA B 364 -24.32 -13.42 14.67
N VAL B 365 -23.00 -13.55 14.52
CA VAL B 365 -22.09 -13.76 15.65
C VAL B 365 -20.92 -12.79 15.49
N GLU B 366 -20.49 -12.21 16.60
CA GLU B 366 -19.37 -11.28 16.62
C GLU B 366 -18.21 -11.91 17.40
N LEU B 367 -17.04 -11.95 16.78
CA LEU B 367 -15.85 -12.53 17.40
C LEU B 367 -14.73 -11.50 17.45
N PRO B 368 -14.25 -11.13 18.64
CA PRO B 368 -13.19 -10.12 18.72
C PRO B 368 -11.83 -10.68 18.38
N PHE B 369 -10.94 -9.78 17.94
CA PHE B 369 -9.55 -10.10 17.67
C PHE B 369 -8.75 -8.80 17.61
N THR B 370 -7.47 -8.89 17.94
CA THR B 370 -6.58 -7.74 17.92
C THR B 370 -5.71 -7.79 16.68
N LEU B 371 -5.80 -6.77 15.84
CA LEU B 371 -5.01 -6.68 14.62
C LEU B 371 -3.89 -5.66 14.86
N MET B 372 -2.80 -6.15 15.46
CA MET B 372 -1.70 -5.29 15.86
C MET B 372 -0.39 -5.76 15.23
N HIS B 373 0.48 -4.81 14.94
CA HIS B 373 1.74 -5.10 14.28
C HIS B 373 2.63 -5.96 15.18
N PRO B 374 3.49 -6.80 14.60
CA PRO B 374 4.46 -7.53 15.43
C PRO B 374 5.51 -6.58 15.98
N LYS B 375 6.13 -7.00 17.09
CA LYS B 375 7.13 -6.16 17.73
C LYS B 375 8.36 -6.04 16.85
N PRO B 376 8.76 -4.83 16.46
CA PRO B 376 9.95 -4.67 15.64
C PRO B 376 11.21 -4.56 16.48
N LYS B 377 12.35 -4.76 15.82
CA LYS B 377 13.66 -4.63 16.45
C LYS B 377 14.32 -3.29 16.11
N GLU B 378 14.46 -2.99 14.82
CA GLU B 378 15.05 -1.74 14.37
C GLU B 378 13.98 -0.66 14.20
N GLU B 379 14.35 0.45 13.56
CA GLU B 379 13.41 1.52 13.28
C GLU B 379 12.22 0.98 12.47
N PRO B 380 10.99 1.35 12.80
CA PRO B 380 9.82 0.68 12.21
C PRO B 380 9.78 0.77 10.69
N PRO B 381 9.76 1.99 10.10
CA PRO B 381 9.44 2.06 8.66
C PRO B 381 10.66 1.97 7.75
N HIS B 382 10.56 1.17 6.70
CA HIS B 382 11.58 1.11 5.67
C HIS B 382 11.00 1.30 4.27
N ARG B 383 9.70 1.58 4.18
CA ARG B 383 9.02 1.57 2.88
C ARG B 383 9.64 2.56 1.92
N GLU B 384 9.72 2.16 0.64
CA GLU B 384 10.35 3.00 -0.37
C GLU B 384 9.60 4.32 -0.50
N VAL B 385 10.36 5.41 -0.54
CA VAL B 385 9.79 6.76 -0.63
C VAL B 385 10.29 7.42 -1.90
N PRO B 386 9.52 7.38 -3.01
CA PRO B 386 9.84 7.99 -4.30
C PRO B 386 10.35 9.42 -4.20
N GLN C 26 8.93 -20.18 0.88
CA GLN C 26 9.47 -20.76 -0.34
C GLN C 26 8.73 -20.26 -1.57
N LEU C 27 9.48 -19.74 -2.54
CA LEU C 27 8.92 -19.18 -3.76
C LEU C 27 9.33 -20.01 -4.97
N VAL C 28 8.42 -20.14 -5.92
CA VAL C 28 8.65 -20.92 -7.14
C VAL C 28 8.06 -20.14 -8.31
N GLU C 29 8.80 -20.08 -9.42
CA GLU C 29 8.39 -19.31 -10.58
C GLU C 29 8.51 -20.16 -11.85
N SER C 30 7.81 -19.70 -12.89
CA SER C 30 7.86 -20.36 -14.19
C SER C 30 7.44 -19.37 -15.26
N GLY C 31 7.81 -19.67 -16.50
CA GLY C 31 7.38 -18.87 -17.63
C GLY C 31 8.50 -18.40 -18.55
N GLY C 32 9.68 -19.01 -18.42
CA GLY C 32 10.80 -18.61 -19.24
C GLY C 32 10.80 -19.30 -20.59
N GLY C 33 11.39 -18.62 -21.57
CA GLY C 33 11.43 -19.18 -22.91
C GLY C 33 11.88 -18.15 -23.93
N LEU C 34 11.59 -18.42 -25.19
CA LEU C 34 11.96 -17.55 -26.29
C LEU C 34 10.77 -16.72 -26.74
N VAL C 35 11.00 -15.42 -26.93
CA VAL C 35 9.98 -14.51 -27.42
C VAL C 35 10.59 -13.67 -28.54
N GLN C 36 9.80 -13.40 -29.57
CA GLN C 36 10.26 -12.55 -30.65
C GLN C 36 10.37 -11.10 -30.17
N PRO C 37 11.17 -10.27 -30.87
CA PRO C 37 11.23 -8.85 -30.52
C PRO C 37 9.91 -8.14 -30.71
N GLY C 38 9.28 -7.74 -29.60
CA GLY C 38 7.94 -7.17 -29.64
C GLY C 38 6.84 -8.10 -29.20
N GLY C 39 7.16 -9.35 -28.87
CA GLY C 39 6.17 -10.30 -28.42
C GLY C 39 5.82 -10.09 -26.97
N SER C 40 5.20 -11.13 -26.39
CA SER C 40 4.71 -11.04 -25.02
C SER C 40 4.95 -12.37 -24.32
N LEU C 41 5.38 -12.30 -23.06
CA LEU C 41 5.59 -13.48 -22.24
C LEU C 41 5.00 -13.22 -20.86
N ARG C 42 4.56 -14.30 -20.21
CA ARG C 42 3.89 -14.21 -18.92
C ARG C 42 4.68 -15.01 -17.90
N LEU C 43 5.04 -14.37 -16.79
CA LEU C 43 5.78 -15.01 -15.72
C LEU C 43 4.96 -14.93 -14.45
N SER C 44 5.07 -15.95 -13.62
CA SER C 44 4.30 -16.04 -12.39
C SER C 44 5.18 -16.52 -11.25
N CYS C 45 4.75 -16.22 -10.03
CA CYS C 45 5.42 -16.67 -8.82
C CYS C 45 4.46 -17.51 -8.00
N ALA C 46 4.89 -18.71 -7.61
CA ALA C 46 4.08 -19.58 -6.77
C ALA C 46 4.51 -19.43 -5.32
N ALA C 47 4.15 -18.28 -4.74
CA ALA C 47 4.49 -17.99 -3.35
C ALA C 47 3.85 -19.03 -2.43
N SER C 48 4.69 -19.81 -1.77
CA SER C 48 4.24 -20.89 -0.89
C SER C 48 4.59 -20.54 0.55
N GLY C 49 3.59 -20.60 1.43
CA GLY C 49 3.79 -20.29 2.83
C GLY C 49 3.78 -18.82 3.16
N PHE C 50 3.64 -17.94 2.16
CA PHE C 50 3.61 -16.51 2.36
C PHE C 50 2.28 -15.95 1.88
N ASN C 51 2.02 -14.69 2.24
CA ASN C 51 0.80 -14.01 1.86
C ASN C 51 1.13 -12.85 0.94
N VAL C 52 0.23 -12.58 -0.01
CA VAL C 52 0.44 -11.49 -0.95
C VAL C 52 0.13 -10.13 -0.33
N TYR C 53 -0.63 -10.11 0.75
CA TYR C 53 -0.97 -8.87 1.44
C TYR C 53 0.03 -8.49 2.52
N SER C 54 0.64 -9.46 3.19
CA SER C 54 1.61 -9.21 4.24
C SER C 54 3.04 -9.19 3.71
N SER C 55 3.24 -9.36 2.40
CA SER C 55 4.59 -9.42 1.85
C SER C 55 4.53 -9.06 0.38
N SER C 56 5.11 -7.91 0.03
CA SER C 56 5.16 -7.50 -1.36
C SER C 56 6.03 -8.47 -2.16
N ILE C 57 5.65 -8.70 -3.42
CA ILE C 57 6.36 -9.60 -4.30
C ILE C 57 7.09 -8.77 -5.34
N HIS C 58 8.40 -8.95 -5.44
CA HIS C 58 9.24 -8.18 -6.36
C HIS C 58 9.82 -9.11 -7.42
N TRP C 59 9.87 -8.63 -8.65
CA TRP C 59 10.47 -9.36 -9.75
C TRP C 59 11.76 -8.66 -10.13
N VAL C 60 12.87 -9.40 -10.12
CA VAL C 60 14.20 -8.84 -10.30
C VAL C 60 14.84 -9.48 -11.54
N ARG C 61 15.39 -8.64 -12.41
CA ARG C 61 16.01 -9.07 -13.64
C ARG C 61 17.51 -9.13 -13.48
N GLN C 62 18.12 -10.19 -14.01
CA GLN C 62 19.58 -10.29 -14.07
C GLN C 62 19.97 -10.73 -15.48
N ALA C 63 20.60 -9.83 -16.22
CA ALA C 63 21.12 -10.20 -17.53
C ALA C 63 22.24 -11.22 -17.37
N PRO C 64 22.44 -12.10 -18.36
CA PRO C 64 23.50 -13.10 -18.24
C PRO C 64 24.87 -12.48 -18.18
N GLY C 65 25.55 -12.61 -17.03
CA GLY C 65 26.83 -12.00 -16.83
C GLY C 65 26.81 -10.55 -16.39
N LYS C 66 25.63 -10.04 -16.00
CA LYS C 66 25.50 -8.66 -15.56
C LYS C 66 24.81 -8.63 -14.20
N GLY C 67 24.79 -7.44 -13.61
CA GLY C 67 24.23 -7.28 -12.28
C GLY C 67 22.71 -7.28 -12.28
N LEU C 68 22.15 -7.38 -11.08
CA LEU C 68 20.71 -7.42 -10.92
C LEU C 68 20.08 -6.09 -11.31
N GLU C 69 18.82 -6.15 -11.70
CA GLU C 69 18.07 -4.95 -12.08
C GLU C 69 16.62 -5.15 -11.71
N TRP C 70 16.08 -4.21 -10.93
CA TRP C 70 14.70 -4.30 -10.48
C TRP C 70 13.74 -4.08 -11.65
N VAL C 71 12.59 -4.77 -11.60
CA VAL C 71 11.63 -4.73 -12.69
C VAL C 71 10.28 -4.21 -12.20
N ALA C 72 9.70 -4.88 -11.21
CA ALA C 72 8.37 -4.53 -10.73
C ALA C 72 8.22 -4.96 -9.29
N SER C 73 7.19 -4.43 -8.63
CA SER C 73 6.87 -4.76 -7.25
C SER C 73 5.37 -4.56 -7.04
N ILE C 74 4.67 -5.64 -6.72
CA ILE C 74 3.23 -5.59 -6.50
C ILE C 74 2.99 -5.67 -4.99
N SER C 75 2.71 -4.52 -4.38
CA SER C 75 2.44 -4.49 -2.95
C SER C 75 1.17 -5.29 -2.62
N SER C 76 0.09 -5.04 -3.36
CA SER C 76 -1.18 -5.74 -3.24
C SER C 76 -1.88 -5.46 -1.91
N TYR C 77 -1.24 -4.69 -1.04
CA TYR C 77 -1.89 -4.22 0.17
C TYR C 77 -2.36 -2.78 -0.01
N TYR C 78 -1.45 -1.90 -0.43
CA TYR C 78 -1.80 -0.54 -0.79
C TYR C 78 -2.27 -0.42 -2.23
N GLY C 79 -2.31 -1.53 -2.97
CA GLY C 79 -2.74 -1.50 -4.35
C GLY C 79 -1.85 -0.71 -5.27
N TYR C 80 -0.54 -0.71 -5.02
CA TYR C 80 0.42 0.01 -5.85
C TYR C 80 1.39 -0.99 -6.46
N THR C 81 1.57 -0.90 -7.78
CA THR C 81 2.45 -1.79 -8.53
C THR C 81 3.54 -0.93 -9.17
N TYR C 82 4.66 -0.77 -8.46
CA TYR C 82 5.75 0.05 -8.95
C TYR C 82 6.46 -0.63 -10.11
N TYR C 83 7.12 0.18 -10.94
CA TYR C 83 7.75 -0.30 -12.15
C TYR C 83 9.09 0.38 -12.34
N ALA C 84 9.99 -0.30 -13.05
CA ALA C 84 11.28 0.28 -13.38
C ALA C 84 11.13 1.34 -14.46
N ASP C 85 12.15 2.21 -14.55
CA ASP C 85 12.15 3.21 -15.60
C ASP C 85 12.27 2.60 -16.98
N SER C 86 13.08 1.53 -17.11
CA SER C 86 13.25 0.87 -18.40
C SER C 86 11.96 0.19 -18.84
N VAL C 87 11.46 -0.74 -18.04
CA VAL C 87 10.19 -1.41 -18.31
C VAL C 87 9.12 -0.65 -17.53
N LYS C 88 8.47 0.31 -18.18
CA LYS C 88 7.50 1.15 -17.49
C LYS C 88 6.08 0.65 -17.71
N GLY C 89 5.65 0.61 -18.97
CA GLY C 89 4.31 0.16 -19.30
C GLY C 89 4.33 -1.20 -19.98
N ARG C 90 5.53 -1.70 -20.27
CA ARG C 90 5.65 -3.03 -20.86
C ARG C 90 5.13 -4.10 -19.92
N PHE C 91 5.37 -3.95 -18.62
CA PHE C 91 4.95 -4.95 -17.65
C PHE C 91 3.57 -4.63 -17.09
N THR C 92 2.83 -5.69 -16.77
CA THR C 92 1.57 -5.59 -16.05
C THR C 92 1.56 -6.68 -14.98
N ILE C 93 2.11 -6.36 -13.81
CA ILE C 93 2.21 -7.36 -12.75
C ILE C 93 0.95 -7.32 -11.89
N SER C 94 0.39 -8.50 -11.64
CA SER C 94 -0.86 -8.63 -10.90
C SER C 94 -0.60 -9.51 -9.70
N ALA C 95 -1.67 -9.90 -8.99
CA ALA C 95 -1.51 -10.74 -7.80
C ALA C 95 -2.82 -11.50 -7.58
N ASP C 96 -2.80 -12.79 -7.87
CA ASP C 96 -3.95 -13.67 -7.61
C ASP C 96 -3.83 -14.17 -6.17
N THR C 97 -4.50 -13.48 -5.25
CA THR C 97 -4.33 -13.79 -3.83
C THR C 97 -4.91 -15.14 -3.47
N SER C 98 -5.96 -15.57 -4.18
CA SER C 98 -6.57 -16.87 -3.87
C SER C 98 -5.57 -18.00 -4.11
N LYS C 99 -4.80 -17.91 -5.19
CA LYS C 99 -3.78 -18.90 -5.51
C LYS C 99 -2.40 -18.52 -4.98
N ASN C 100 -2.29 -17.39 -4.29
CA ASN C 100 -1.02 -16.91 -3.74
C ASN C 100 0.05 -16.78 -4.82
N THR C 101 -0.33 -16.18 -5.95
CA THR C 101 0.60 -15.92 -7.04
C THR C 101 0.60 -14.44 -7.37
N ALA C 102 1.75 -13.96 -7.85
CA ALA C 102 1.94 -12.58 -8.30
C ALA C 102 2.30 -12.63 -9.78
N TYR C 103 1.26 -12.68 -10.62
CA TYR C 103 1.47 -12.88 -12.05
C TYR C 103 2.11 -11.64 -12.66
N LEU C 104 3.04 -11.85 -13.59
CA LEU C 104 3.71 -10.75 -14.28
C LEU C 104 3.61 -10.95 -15.78
N GLN C 105 3.46 -9.85 -16.52
CA GLN C 105 3.38 -9.90 -17.97
C GLN C 105 4.50 -9.07 -18.58
N MET C 106 5.53 -9.75 -19.08
CA MET C 106 6.53 -9.17 -19.98
C MET C 106 5.94 -9.11 -21.40
N ASN C 107 5.56 -7.91 -21.82
CA ASN C 107 5.02 -7.65 -23.14
C ASN C 107 5.95 -6.68 -23.86
N SER C 108 5.92 -6.73 -25.19
CA SER C 108 6.78 -5.90 -26.04
C SER C 108 8.26 -6.09 -25.71
N LEU C 109 8.65 -7.35 -25.50
CA LEU C 109 10.03 -7.67 -25.12
C LEU C 109 11.00 -7.29 -26.23
N ARG C 110 11.86 -6.32 -25.96
CA ARG C 110 12.91 -5.96 -26.89
C ARG C 110 14.04 -6.98 -26.84
N ALA C 111 14.96 -6.88 -27.80
CA ALA C 111 16.08 -7.81 -27.86
C ALA C 111 16.95 -7.70 -26.62
N GLU C 112 17.19 -6.49 -26.14
CA GLU C 112 18.02 -6.26 -24.96
C GLU C 112 17.31 -6.60 -23.66
N ASP C 113 16.10 -7.15 -23.71
CA ASP C 113 15.41 -7.57 -22.51
C ASP C 113 15.70 -9.00 -22.12
N THR C 114 16.57 -9.69 -22.86
CA THR C 114 16.95 -11.05 -22.50
C THR C 114 17.73 -11.07 -21.21
N ALA C 115 17.33 -11.95 -20.29
CA ALA C 115 17.89 -11.97 -18.95
C ALA C 115 17.33 -13.16 -18.19
N VAL C 116 17.75 -13.28 -16.94
CA VAL C 116 17.16 -14.23 -16.00
C VAL C 116 16.33 -13.44 -15.00
N TYR C 117 15.05 -13.76 -14.91
CA TYR C 117 14.12 -13.01 -14.08
C TYR C 117 13.89 -13.75 -12.77
N TYR C 118 14.10 -13.05 -11.66
CA TYR C 118 13.99 -13.63 -10.33
C TYR C 118 12.75 -13.09 -9.64
N CYS C 119 12.31 -13.84 -8.63
CA CYS C 119 11.16 -13.47 -7.82
C CYS C 119 11.61 -13.30 -6.38
N ALA C 120 11.26 -12.17 -5.77
CA ALA C 120 11.68 -11.86 -4.43
C ALA C 120 10.48 -11.38 -3.63
N ARG C 121 10.50 -11.65 -2.33
CA ARG C 121 9.36 -11.39 -1.44
C ARG C 121 9.81 -10.49 -0.30
N SER C 122 9.74 -9.18 -0.52
CA SER C 122 10.03 -8.24 0.54
C SER C 122 8.80 -8.00 1.39
N ARG C 123 9.00 -7.83 2.69
CA ARG C 123 7.89 -7.64 3.61
C ARG C 123 7.06 -6.42 3.21
N GLN C 124 5.74 -6.54 3.32
CA GLN C 124 4.87 -5.41 3.01
C GLN C 124 5.10 -4.29 4.02
N PHE C 125 5.26 -4.64 5.29
CA PHE C 125 5.61 -3.70 6.33
C PHE C 125 6.99 -4.04 6.86
N TRP C 126 7.81 -3.02 7.08
CA TRP C 126 9.22 -3.20 7.45
C TRP C 126 9.96 -3.97 6.36
N TYR C 127 10.15 -3.27 5.24
CA TYR C 127 10.72 -3.84 4.01
C TYR C 127 11.86 -4.81 4.28
N SER C 128 12.93 -4.34 4.91
CA SER C 128 14.02 -5.20 5.41
C SER C 128 14.57 -6.12 4.32
N GLY C 129 14.70 -5.59 3.11
CA GLY C 129 15.32 -6.33 2.02
C GLY C 129 14.41 -7.41 1.45
N LEU C 130 14.92 -8.06 0.40
CA LEU C 130 14.23 -9.15 -0.27
C LEU C 130 14.81 -10.47 0.23
N ASP C 131 14.20 -11.01 1.29
CA ASP C 131 14.78 -12.18 1.97
C ASP C 131 14.53 -13.48 1.21
N TYR C 132 13.27 -13.77 0.90
CA TYR C 132 12.94 -14.98 0.17
C TYR C 132 13.08 -14.74 -1.33
N TRP C 133 13.76 -15.65 -2.01
CA TRP C 133 14.05 -15.52 -3.44
C TRP C 133 13.59 -16.78 -4.18
N GLY C 134 13.19 -16.57 -5.44
CA GLY C 134 12.76 -17.66 -6.30
C GLY C 134 13.93 -18.26 -7.06
N GLN C 135 13.62 -19.36 -7.75
CA GLN C 135 14.65 -20.07 -8.52
C GLN C 135 15.16 -19.21 -9.67
N GLY C 136 14.26 -18.54 -10.38
CA GLY C 136 14.64 -17.72 -11.51
C GLY C 136 14.27 -18.33 -12.85
N THR C 137 13.57 -17.58 -13.69
CA THR C 137 13.14 -18.05 -15.00
C THR C 137 13.75 -17.16 -16.06
N LEU C 138 14.69 -17.70 -16.82
CA LEU C 138 15.38 -16.93 -17.84
C LEU C 138 14.44 -16.66 -19.02
N VAL C 139 14.43 -15.42 -19.50
CA VAL C 139 13.55 -14.98 -20.57
C VAL C 139 14.41 -14.48 -21.71
N THR C 140 14.76 -15.37 -22.63
CA THR C 140 15.58 -14.99 -23.78
C THR C 140 14.69 -14.46 -24.90
N VAL C 141 15.01 -13.27 -25.38
CA VAL C 141 14.22 -12.60 -26.40
C VAL C 141 15.08 -12.44 -27.65
N SER C 142 14.78 -13.21 -28.68
CA SER C 142 15.55 -13.17 -29.92
C SER C 142 14.67 -13.68 -31.05
N SER C 143 15.06 -13.32 -32.27
CA SER C 143 14.37 -13.78 -33.48
C SER C 143 14.97 -15.03 -34.07
N ALA C 144 16.04 -15.56 -33.47
CA ALA C 144 16.68 -16.76 -34.01
C ALA C 144 15.84 -18.00 -33.72
N SER C 145 15.88 -18.94 -34.65
CA SER C 145 15.26 -20.24 -34.50
C SER C 145 16.33 -21.27 -34.13
N THR C 146 15.87 -22.48 -33.80
CA THR C 146 16.78 -23.54 -33.42
C THR C 146 17.71 -23.88 -34.57
N LYS C 147 19.01 -23.82 -34.32
CA LYS C 147 20.04 -24.08 -35.32
C LYS C 147 20.98 -25.14 -34.79
N GLY C 148 21.44 -26.01 -35.69
CA GLY C 148 22.31 -27.10 -35.32
C GLY C 148 23.71 -26.65 -34.93
N PRO C 149 24.28 -27.31 -33.92
CA PRO C 149 25.64 -26.96 -33.51
C PRO C 149 26.69 -27.55 -34.45
N SER C 150 27.96 -27.37 -34.10
CA SER C 150 29.07 -27.84 -34.92
C SER C 150 30.02 -28.69 -34.09
N VAL C 151 30.80 -29.51 -34.78
CA VAL C 151 31.75 -30.42 -34.15
C VAL C 151 33.15 -30.13 -34.66
N PHE C 152 33.42 -28.85 -34.97
CA PHE C 152 34.69 -28.47 -35.56
C PHE C 152 35.84 -28.78 -34.60
N PRO C 153 36.83 -29.58 -35.01
CA PRO C 153 37.95 -29.89 -34.12
C PRO C 153 39.05 -28.84 -34.24
N LEU C 154 39.51 -28.32 -33.11
CA LEU C 154 40.61 -27.37 -33.11
C LEU C 154 41.86 -28.01 -33.68
N ALA C 155 42.55 -27.28 -34.57
CA ALA C 155 43.71 -27.83 -35.24
C ALA C 155 44.89 -27.91 -34.28
N PRO C 156 45.25 -29.09 -33.80
CA PRO C 156 46.41 -29.23 -32.92
C PRO C 156 47.67 -29.57 -33.68
N SER C 157 48.76 -28.90 -33.32
CA SER C 157 50.06 -29.12 -33.93
C SER C 157 51.10 -29.40 -32.85
N SER C 158 51.96 -30.38 -33.11
CA SER C 158 53.03 -30.69 -32.17
C SER C 158 53.99 -29.51 -32.04
N LYS C 159 54.32 -28.85 -33.15
CA LYS C 159 55.18 -27.68 -33.11
C LYS C 159 54.52 -26.54 -32.33
N SER C 160 53.20 -26.35 -32.51
CA SER C 160 52.50 -25.28 -31.81
C SER C 160 52.54 -25.49 -30.30
N THR C 161 52.36 -26.72 -29.85
CA THR C 161 52.40 -27.04 -28.42
C THR C 161 53.86 -27.20 -28.00
N SER C 162 54.46 -26.07 -27.58
CA SER C 162 55.86 -26.10 -27.16
C SER C 162 56.05 -26.96 -25.92
N GLY C 163 55.15 -26.84 -24.95
CA GLY C 163 55.22 -27.61 -23.72
C GLY C 163 54.59 -28.98 -23.86
N GLY C 164 54.47 -29.66 -22.73
CA GLY C 164 53.85 -30.98 -22.72
C GLY C 164 52.35 -30.96 -22.91
N THR C 165 51.70 -29.83 -22.60
CA THR C 165 50.25 -29.73 -22.74
C THR C 165 49.86 -29.74 -24.22
N ALA C 166 48.77 -30.42 -24.53
CA ALA C 166 48.25 -30.48 -25.89
C ALA C 166 47.22 -29.40 -26.13
N ALA C 167 47.07 -29.01 -27.39
CA ALA C 167 46.13 -27.98 -27.79
C ALA C 167 44.87 -28.56 -28.45
N LEU C 168 44.59 -29.84 -28.24
CA LEU C 168 43.41 -30.45 -28.83
C LEU C 168 42.13 -29.84 -28.25
N GLY C 169 41.16 -29.62 -29.12
CA GLY C 169 39.91 -29.02 -28.69
C GLY C 169 38.87 -29.11 -29.78
N CYS C 170 37.66 -28.70 -29.44
CA CYS C 170 36.53 -28.72 -30.36
C CYS C 170 35.82 -27.38 -30.33
N LEU C 171 35.18 -27.05 -31.45
CA LEU C 171 34.42 -25.82 -31.59
C LEU C 171 32.96 -26.16 -31.83
N VAL C 172 32.08 -25.52 -31.05
CA VAL C 172 30.64 -25.75 -31.16
C VAL C 172 29.94 -24.41 -31.34
N LYS C 173 29.66 -24.05 -32.59
CA LYS C 173 29.04 -22.78 -32.92
C LYS C 173 27.63 -22.99 -33.45
N ASP C 174 26.93 -21.89 -33.72
CA ASP C 174 25.59 -21.91 -34.32
C ASP C 174 24.60 -22.71 -33.48
N TYR C 175 24.61 -22.43 -32.17
CA TYR C 175 23.66 -23.02 -31.25
C TYR C 175 22.66 -21.95 -30.84
N PHE C 176 21.36 -22.26 -30.96
CA PHE C 176 20.35 -21.26 -30.57
C PHE C 176 20.18 -21.16 -29.06
N PRO C 177 19.81 -22.21 -28.32
CA PRO C 177 19.59 -22.02 -26.89
C PRO C 177 20.87 -22.16 -26.07
N GLU C 178 20.85 -21.63 -24.84
CA GLU C 178 22.06 -21.67 -24.03
C GLU C 178 22.54 -23.09 -23.74
N PRO C 179 21.68 -24.04 -23.29
CA PRO C 179 22.21 -25.37 -22.94
C PRO C 179 22.69 -26.16 -24.15
N VAL C 180 24.00 -26.40 -24.22
CA VAL C 180 24.60 -27.26 -25.24
C VAL C 180 25.67 -28.10 -24.54
N THR C 181 25.35 -29.37 -24.29
CA THR C 181 26.28 -30.24 -23.58
C THR C 181 27.39 -30.70 -24.50
N VAL C 182 28.64 -30.56 -24.04
CA VAL C 182 29.79 -30.99 -24.79
C VAL C 182 30.70 -31.83 -23.90
N SER C 183 30.54 -33.15 -23.96
CA SER C 183 31.39 -34.04 -23.19
C SER C 183 32.63 -34.41 -23.98
N TRP C 184 33.64 -34.92 -23.27
CA TRP C 184 34.92 -35.25 -23.86
C TRP C 184 35.26 -36.71 -23.58
N ASN C 185 35.59 -37.45 -24.64
CA ASN C 185 35.98 -38.86 -24.54
C ASN C 185 34.91 -39.69 -23.84
N SER C 186 33.64 -39.33 -24.10
CA SER C 186 32.49 -40.01 -23.50
C SER C 186 32.59 -40.04 -21.98
N GLY C 187 33.05 -38.92 -21.40
CA GLY C 187 33.18 -38.80 -19.97
C GLY C 187 34.46 -39.35 -19.39
N ALA C 188 35.37 -39.86 -20.21
CA ALA C 188 36.63 -40.40 -19.69
C ALA C 188 37.62 -39.28 -19.38
N LEU C 189 37.81 -38.36 -20.31
CA LEU C 189 38.74 -37.24 -20.12
C LEU C 189 38.02 -36.07 -19.42
N THR C 190 37.58 -36.34 -18.19
CA THR C 190 36.86 -35.36 -17.39
C THR C 190 37.78 -34.52 -16.52
N SER C 191 39.10 -34.75 -16.58
CA SER C 191 40.07 -34.00 -15.78
C SER C 191 41.11 -33.42 -16.73
N GLY C 192 40.90 -32.17 -17.14
CA GLY C 192 41.83 -31.50 -18.03
C GLY C 192 41.15 -30.84 -19.22
N VAL C 193 39.84 -30.97 -19.31
CA VAL C 193 39.07 -30.39 -20.41
C VAL C 193 38.44 -29.09 -19.92
N HIS C 194 38.75 -27.99 -20.60
CA HIS C 194 38.25 -26.66 -20.25
C HIS C 194 37.18 -26.28 -21.28
N THR C 195 35.93 -26.18 -20.84
CA THR C 195 34.85 -25.79 -21.72
C THR C 195 34.45 -24.35 -21.43
N PHE C 196 34.66 -23.46 -22.40
CA PHE C 196 34.38 -22.05 -22.22
C PHE C 196 32.88 -21.78 -22.28
N PRO C 197 32.39 -20.82 -21.51
CA PRO C 197 30.97 -20.45 -21.57
C PRO C 197 30.56 -20.04 -22.98
N ALA C 198 29.26 -20.19 -23.25
CA ALA C 198 28.71 -19.95 -24.58
C ALA C 198 28.59 -18.45 -24.81
N VAL C 199 29.52 -17.92 -25.60
CA VAL C 199 29.44 -16.52 -26.00
C VAL C 199 28.37 -16.35 -27.06
N LEU C 200 27.83 -15.15 -27.17
CA LEU C 200 26.78 -14.88 -28.15
C LEU C 200 27.42 -14.62 -29.50
N GLN C 201 27.07 -15.43 -30.50
CA GLN C 201 27.61 -15.27 -31.83
C GLN C 201 27.14 -13.96 -32.44
N SER C 202 27.95 -13.41 -33.35
CA SER C 202 27.62 -12.13 -33.96
C SER C 202 26.30 -12.20 -34.73
N SER C 203 26.03 -13.35 -35.37
CA SER C 203 24.79 -13.50 -36.13
C SER C 203 23.57 -13.43 -35.22
N GLY C 204 23.64 -14.03 -34.04
CA GLY C 204 22.52 -14.07 -33.14
C GLY C 204 22.40 -15.39 -32.40
N LEU C 205 23.23 -16.36 -32.77
CA LEU C 205 23.24 -17.67 -32.13
C LEU C 205 24.28 -17.70 -31.01
N TYR C 206 24.56 -18.89 -30.48
CA TYR C 206 25.52 -19.07 -29.40
C TYR C 206 26.66 -19.95 -29.89
N SER C 207 27.77 -19.90 -29.15
CA SER C 207 28.96 -20.69 -29.50
C SER C 207 29.73 -20.97 -28.21
N LEU C 208 29.83 -22.26 -27.86
CA LEU C 208 30.54 -22.71 -26.67
C LEU C 208 31.62 -23.70 -27.09
N SER C 209 32.87 -23.27 -27.04
CA SER C 209 33.98 -24.13 -27.43
C SER C 209 34.40 -25.03 -26.28
N SER C 210 35.42 -25.84 -26.52
CA SER C 210 35.93 -26.76 -25.50
C SER C 210 37.34 -27.16 -25.88
N VAL C 211 38.29 -26.99 -24.95
CA VAL C 211 39.68 -27.33 -25.17
C VAL C 211 40.14 -28.24 -24.04
N VAL C 212 40.84 -29.31 -24.39
CA VAL C 212 41.33 -30.29 -23.43
C VAL C 212 42.84 -30.42 -23.59
N THR C 213 43.55 -30.39 -22.48
CA THR C 213 45.01 -30.56 -22.51
C THR C 213 45.36 -32.04 -22.42
N VAL C 214 46.47 -32.41 -23.05
CA VAL C 214 46.94 -33.79 -23.05
C VAL C 214 48.45 -33.79 -23.25
N PRO C 215 49.11 -34.95 -23.23
CA PRO C 215 50.56 -34.97 -23.46
C PRO C 215 50.91 -34.51 -24.87
N SER C 216 52.08 -33.88 -24.99
CA SER C 216 52.53 -33.41 -26.29
C SER C 216 52.74 -34.53 -27.29
N SER C 217 53.09 -35.72 -26.81
CA SER C 217 53.25 -36.90 -27.66
C SER C 217 51.95 -37.67 -27.82
N SER C 218 50.86 -37.22 -27.21
CA SER C 218 49.57 -37.89 -27.29
C SER C 218 48.72 -37.42 -28.46
N LEU C 219 49.34 -36.91 -29.53
CA LEU C 219 48.58 -36.49 -30.70
C LEU C 219 47.83 -37.67 -31.33
N GLY C 220 48.41 -38.86 -31.25
CA GLY C 220 47.77 -40.05 -31.76
C GLY C 220 47.50 -41.07 -30.67
N THR C 221 48.12 -40.88 -29.51
CA THR C 221 47.97 -41.80 -28.39
C THR C 221 46.68 -41.49 -27.65
N GLN C 222 45.68 -42.35 -27.82
CA GLN C 222 44.39 -42.25 -27.14
C GLN C 222 43.73 -40.89 -27.42
N THR C 223 43.42 -40.67 -28.71
CA THR C 223 42.76 -39.43 -29.10
C THR C 223 41.36 -39.37 -28.51
N TYR C 224 41.02 -38.23 -27.90
CA TYR C 224 39.74 -38.09 -27.25
C TYR C 224 38.63 -37.85 -28.27
N ILE C 225 37.38 -38.00 -27.80
CA ILE C 225 36.20 -37.85 -28.63
C ILE C 225 35.38 -36.69 -28.07
N CYS C 226 35.02 -35.75 -28.94
CA CYS C 226 34.23 -34.57 -28.55
C CYS C 226 32.76 -34.97 -28.59
N ASN C 227 32.26 -35.49 -27.47
CA ASN C 227 30.87 -35.95 -27.37
C ASN C 227 29.97 -34.76 -27.05
N VAL C 228 29.60 -34.04 -28.10
CA VAL C 228 28.72 -32.88 -27.97
C VAL C 228 27.29 -33.32 -28.23
N ASN C 229 26.38 -32.94 -27.35
CA ASN C 229 24.96 -33.27 -27.47
C ASN C 229 24.15 -32.00 -27.28
N HIS C 230 23.46 -31.57 -28.33
CA HIS C 230 22.64 -30.37 -28.26
C HIS C 230 21.26 -30.70 -27.68
N LYS C 231 20.76 -29.79 -26.86
CA LYS C 231 19.50 -30.01 -26.16
C LYS C 231 18.30 -29.81 -27.07
N PRO C 232 18.16 -28.64 -27.71
CA PRO C 232 16.92 -28.38 -28.46
C PRO C 232 16.77 -29.24 -29.70
N SER C 233 17.81 -29.36 -30.52
CA SER C 233 17.75 -30.12 -31.76
C SER C 233 18.14 -31.58 -31.58
N ASN C 234 18.54 -31.98 -30.38
CA ASN C 234 18.94 -33.36 -30.09
C ASN C 234 20.04 -33.82 -31.04
N THR C 235 20.96 -32.90 -31.36
CA THR C 235 22.03 -33.16 -32.33
C THR C 235 23.25 -33.66 -31.56
N LYS C 236 23.29 -34.96 -31.31
CA LYS C 236 24.42 -35.59 -30.62
C LYS C 236 25.44 -36.01 -31.67
N VAL C 237 26.38 -35.10 -31.95
CA VAL C 237 27.40 -35.36 -32.96
C VAL C 237 28.37 -36.42 -32.46
N ASP C 238 29.04 -36.15 -31.34
CA ASP C 238 30.05 -37.05 -30.77
C ASP C 238 31.11 -37.43 -31.80
N LYS C 239 31.82 -36.42 -32.27
CA LYS C 239 32.87 -36.58 -33.28
C LYS C 239 34.24 -36.45 -32.62
N LYS C 240 35.09 -37.44 -32.84
CA LYS C 240 36.42 -37.43 -32.25
C LYS C 240 37.30 -36.37 -32.90
N VAL C 241 38.08 -35.68 -32.07
CA VAL C 241 39.01 -34.68 -32.58
C VAL C 241 40.31 -35.35 -33.00
N GLU C 242 40.91 -34.83 -34.06
CA GLU C 242 42.14 -35.39 -34.61
C GLU C 242 43.19 -34.29 -34.78
N PRO C 243 44.47 -34.59 -34.60
CA PRO C 243 45.49 -33.56 -34.79
C PRO C 243 45.70 -33.23 -36.27
N LYS C 244 46.25 -32.05 -36.51
CA LYS C 244 46.54 -31.60 -37.87
C LYS C 244 47.72 -32.37 -38.45
N ILE D 23 18.90 6.97 -8.49
CA ILE D 23 20.00 6.63 -7.62
C ILE D 23 20.98 5.72 -8.35
N GLN D 24 22.27 5.88 -8.09
CA GLN D 24 23.30 5.08 -8.77
C GLN D 24 24.31 4.64 -7.71
N MET D 25 24.07 3.47 -7.14
CA MET D 25 24.97 2.93 -6.13
C MET D 25 26.08 2.14 -6.81
N THR D 26 27.33 2.49 -6.52
CA THR D 26 28.48 1.89 -7.19
C THR D 26 29.38 1.22 -6.17
N GLN D 27 29.83 0.01 -6.48
CA GLN D 27 30.79 -0.71 -5.65
C GLN D 27 32.19 -0.49 -6.19
N SER D 28 33.02 0.23 -5.43
CA SER D 28 34.40 0.48 -5.86
C SER D 28 35.21 -0.80 -6.02
N PRO D 29 35.18 -1.76 -5.08
CA PRO D 29 35.94 -3.00 -5.31
C PRO D 29 35.21 -3.95 -6.25
N SER D 30 35.39 -3.75 -7.55
CA SER D 30 34.70 -4.58 -8.53
C SER D 30 35.13 -6.04 -8.43
N SER D 31 36.41 -6.29 -8.19
CA SER D 31 36.94 -7.64 -8.04
C SER D 31 37.81 -7.73 -6.80
N LEU D 32 37.64 -8.80 -6.04
CA LEU D 32 38.37 -9.02 -4.79
C LEU D 32 39.07 -10.37 -4.88
N SER D 33 40.35 -10.34 -5.26
CA SER D 33 41.16 -11.56 -5.32
C SER D 33 41.84 -11.78 -3.97
N ALA D 34 41.07 -12.29 -3.03
CA ALA D 34 41.54 -12.54 -1.67
C ALA D 34 41.20 -13.97 -1.27
N SER D 35 42.17 -14.62 -0.62
CA SER D 35 42.00 -16.00 -0.18
C SER D 35 41.31 -16.02 1.19
N VAL D 36 41.18 -17.22 1.77
CA VAL D 36 40.51 -17.35 3.06
C VAL D 36 41.34 -16.69 4.15
N GLY D 37 40.66 -16.09 5.12
CA GLY D 37 41.31 -15.43 6.23
C GLY D 37 41.77 -14.01 5.95
N ASP D 38 41.46 -13.46 4.78
CA ASP D 38 41.87 -12.10 4.43
C ASP D 38 40.64 -11.20 4.47
N ARG D 39 40.81 -10.01 5.05
CA ARG D 39 39.72 -9.05 5.13
C ARG D 39 39.29 -8.60 3.73
N VAL D 40 37.99 -8.61 3.49
CA VAL D 40 37.44 -8.22 2.19
C VAL D 40 36.39 -7.13 2.40
N THR D 41 36.80 -5.88 2.23
CA THR D 41 35.89 -4.75 2.43
C THR D 41 35.35 -4.31 1.08
N ILE D 42 34.02 -4.34 0.93
CA ILE D 42 33.35 -4.00 -0.33
C ILE D 42 32.61 -2.70 -0.09
N THR D 43 33.22 -1.58 -0.47
CA THR D 43 32.57 -0.29 -0.30
C THR D 43 31.61 -0.03 -1.43
N CYS D 44 30.38 0.36 -1.09
CA CYS D 44 29.35 0.71 -2.06
C CYS D 44 28.81 2.09 -1.73
N ARG D 45 29.08 3.06 -2.60
CA ARG D 45 28.74 4.45 -2.35
C ARG D 45 27.58 4.85 -3.27
N ALA D 46 26.52 5.39 -2.68
CA ALA D 46 25.35 5.81 -3.43
C ALA D 46 25.60 7.16 -4.11
N SER D 47 24.82 7.42 -5.16
CA SER D 47 24.91 8.71 -5.84
C SER D 47 24.46 9.84 -4.93
N GLN D 48 23.38 9.63 -4.18
CA GLN D 48 22.88 10.60 -3.22
C GLN D 48 22.51 9.88 -1.93
N SER D 49 22.18 10.67 -0.91
CA SER D 49 21.90 10.12 0.40
C SER D 49 20.69 9.19 0.36
N VAL D 50 20.92 7.91 0.61
CA VAL D 50 19.86 6.91 0.70
C VAL D 50 19.56 6.55 2.15
N SER D 51 20.00 7.38 3.09
CA SER D 51 19.80 7.19 4.53
C SER D 51 20.37 5.83 4.90
N SER D 52 19.68 5.02 5.70
CA SER D 52 20.19 3.73 6.14
C SER D 52 19.55 2.56 5.42
N ALA D 53 18.86 2.80 4.30
CA ALA D 53 18.15 1.75 3.58
C ALA D 53 19.07 1.16 2.50
N VAL D 54 19.92 0.23 2.92
CA VAL D 54 20.78 -0.52 2.02
C VAL D 54 20.80 -1.97 2.48
N ALA D 55 20.71 -2.89 1.52
CA ALA D 55 20.80 -4.31 1.79
C ALA D 55 21.85 -4.93 0.89
N TRP D 56 22.43 -6.04 1.35
CA TRP D 56 23.51 -6.70 0.65
C TRP D 56 23.15 -8.17 0.39
N TYR D 57 23.39 -8.60 -0.84
CA TYR D 57 23.05 -9.95 -1.27
C TYR D 57 24.31 -10.67 -1.74
N GLN D 58 24.33 -11.98 -1.52
CA GLN D 58 25.40 -12.83 -2.03
C GLN D 58 24.80 -13.77 -3.06
N GLN D 59 25.34 -13.75 -4.27
CA GLN D 59 24.85 -14.58 -5.36
C GLN D 59 25.96 -15.49 -5.83
N LYS D 60 25.75 -16.79 -5.72
CA LYS D 60 26.69 -17.76 -6.23
C LYS D 60 26.63 -17.77 -7.75
N PRO D 61 27.61 -18.36 -8.43
CA PRO D 61 27.59 -18.38 -9.90
C PRO D 61 26.34 -19.06 -10.45
N GLY D 62 25.48 -18.29 -11.10
CA GLY D 62 24.27 -18.86 -11.69
C GLY D 62 23.28 -19.40 -10.68
N LYS D 63 23.08 -18.67 -9.58
CA LYS D 63 22.11 -19.04 -8.56
C LYS D 63 21.30 -17.81 -8.18
N ALA D 64 20.46 -17.96 -7.15
CA ALA D 64 19.65 -16.81 -6.76
C ALA D 64 20.32 -16.05 -5.62
N PRO D 65 20.21 -14.72 -5.63
CA PRO D 65 20.84 -13.92 -4.57
C PRO D 65 20.25 -14.25 -3.20
N LYS D 66 21.10 -14.17 -2.19
CA LYS D 66 20.72 -14.49 -0.81
C LYS D 66 20.94 -13.24 0.04
N LEU D 67 19.91 -12.85 0.79
CA LEU D 67 20.03 -11.67 1.65
C LEU D 67 21.07 -11.90 2.73
N LEU D 68 21.96 -10.92 2.90
CA LEU D 68 22.97 -10.97 3.96
C LEU D 68 22.68 -9.96 5.06
N ILE D 69 22.55 -8.68 4.72
CA ILE D 69 22.26 -7.64 5.69
C ILE D 69 21.16 -6.75 5.14
N TYR D 70 20.45 -6.09 6.05
CA TYR D 70 19.45 -5.10 5.69
C TYR D 70 19.57 -3.93 6.65
N SER D 71 18.92 -2.82 6.29
CA SER D 71 19.04 -1.55 7.02
C SER D 71 20.50 -1.11 7.12
N ALA D 72 21.34 -1.65 6.22
CA ALA D 72 22.74 -1.26 6.07
C ALA D 72 23.59 -1.65 7.28
N SER D 73 22.95 -2.07 8.37
CA SER D 73 23.70 -2.57 9.52
C SER D 73 23.16 -3.91 10.01
N SER D 74 21.84 -4.08 9.96
CA SER D 74 21.22 -5.26 10.55
C SER D 74 21.54 -6.51 9.74
N LEU D 75 22.04 -7.52 10.43
CA LEU D 75 22.43 -8.76 9.77
C LEU D 75 21.25 -9.72 9.70
N TYR D 76 20.97 -10.21 8.49
CA TYR D 76 19.80 -11.04 8.26
C TYR D 76 19.89 -12.33 9.06
N SER D 77 18.74 -12.81 9.54
CA SER D 77 18.70 -14.05 10.28
C SER D 77 19.10 -15.22 9.38
N GLY D 78 19.89 -16.14 9.96
CA GLY D 78 20.26 -17.34 9.25
C GLY D 78 21.46 -17.23 8.34
N VAL D 79 22.31 -16.22 8.52
CA VAL D 79 23.54 -16.12 7.74
C VAL D 79 24.71 -16.00 8.71
N PRO D 80 25.92 -16.41 8.31
CA PRO D 80 27.06 -16.33 9.24
C PRO D 80 27.36 -14.90 9.63
N SER D 81 27.91 -14.74 10.84
CA SER D 81 28.21 -13.40 11.36
C SER D 81 29.48 -12.80 10.76
N ARG D 82 30.12 -13.50 9.82
CA ARG D 82 31.33 -12.97 9.19
C ARG D 82 31.03 -11.68 8.43
N PHE D 83 29.82 -11.55 7.90
CA PHE D 83 29.45 -10.36 7.15
C PHE D 83 28.98 -9.26 8.11
N SER D 84 29.53 -8.07 7.95
CA SER D 84 29.19 -6.91 8.78
C SER D 84 29.16 -5.68 7.88
N GLY D 85 28.02 -4.99 7.85
CA GLY D 85 27.87 -3.83 7.01
C GLY D 85 28.15 -2.51 7.71
N SER D 86 28.91 -1.64 7.05
CA SER D 86 29.18 -0.32 7.59
C SER D 86 28.11 0.67 7.13
N ARG D 87 28.17 1.87 7.69
CA ARG D 87 27.20 2.92 7.43
C ARG D 87 27.92 4.25 7.35
N SER D 88 27.60 5.05 6.34
CA SER D 88 28.18 6.38 6.20
C SER D 88 27.17 7.25 5.46
N GLY D 89 27.62 8.44 5.09
CA GLY D 89 26.75 9.38 4.41
C GLY D 89 26.19 8.81 3.12
N THR D 90 27.07 8.22 2.31
CA THR D 90 26.66 7.52 1.10
C THR D 90 27.38 6.19 0.91
N ASP D 91 28.45 5.93 1.65
CA ASP D 91 29.24 4.71 1.51
C ASP D 91 28.74 3.66 2.51
N PHE D 92 28.65 2.40 2.05
CA PHE D 92 28.18 1.28 2.86
C PHE D 92 29.12 0.10 2.65
N THR D 93 30.17 0.03 3.47
CA THR D 93 31.12 -1.08 3.36
C THR D 93 30.53 -2.37 3.92
N LEU D 94 31.08 -3.49 3.48
CA LEU D 94 30.74 -4.81 4.02
C LEU D 94 32.04 -5.57 4.27
N THR D 95 32.36 -5.79 5.53
CA THR D 95 33.55 -6.55 5.88
C THR D 95 33.19 -8.03 6.05
N ILE D 96 34.11 -8.91 5.66
CA ILE D 96 33.93 -10.35 5.76
C ILE D 96 35.01 -10.99 6.62
N SER D 97 36.27 -10.62 6.40
CA SER D 97 37.43 -11.05 7.19
C SER D 97 37.73 -12.53 7.02
N SER D 98 36.81 -13.40 7.46
CA SER D 98 37.09 -14.83 7.43
C SER D 98 37.21 -15.35 6.00
N LEU D 99 36.27 -14.98 5.14
CA LEU D 99 36.27 -15.37 3.73
C LEU D 99 36.36 -16.88 3.56
N ASN D 100 35.33 -17.57 4.06
CA ASN D 100 35.23 -18.99 3.90
C ASN D 100 34.94 -19.33 2.43
N PRO D 101 35.16 -20.58 2.02
CA PRO D 101 34.84 -20.95 0.62
C PRO D 101 33.39 -20.65 0.25
N GLU D 102 32.47 -20.76 1.20
CA GLU D 102 31.08 -20.41 0.92
C GLU D 102 30.93 -18.92 0.62
N ASP D 103 31.88 -18.11 1.10
CA ASP D 103 31.80 -16.67 0.89
C ASP D 103 32.33 -16.23 -0.47
N PHE D 104 32.84 -17.16 -1.28
CA PHE D 104 33.44 -16.83 -2.58
C PHE D 104 32.35 -16.71 -3.65
N ALA D 105 31.74 -15.53 -3.70
CA ALA D 105 30.65 -15.27 -4.62
C ALA D 105 30.61 -13.79 -4.95
N THR D 106 29.53 -13.37 -5.62
CA THR D 106 29.37 -11.99 -6.03
C THR D 106 28.35 -11.28 -5.15
N TYR D 107 28.71 -10.09 -4.68
CA TYR D 107 27.92 -9.35 -3.70
C TYR D 107 27.35 -8.08 -4.32
N TYR D 108 26.07 -7.83 -4.03
CA TYR D 108 25.35 -6.70 -4.59
C TYR D 108 24.82 -5.83 -3.46
N CYS D 109 24.94 -4.52 -3.61
CA CYS D 109 24.39 -3.56 -2.67
C CYS D 109 23.12 -2.97 -3.27
N GLN D 110 22.03 -3.01 -2.54
CA GLN D 110 20.74 -2.56 -3.02
C GLN D 110 20.10 -1.60 -2.02
N GLN D 111 19.52 -0.52 -2.51
CA GLN D 111 18.82 0.43 -1.67
C GLN D 111 17.32 0.31 -1.87
N TYR D 112 16.57 0.56 -0.80
CA TYR D 112 15.12 0.54 -0.87
C TYR D 112 14.54 1.81 -0.26
N LYS D 113 15.32 2.89 -0.27
CA LYS D 113 14.87 4.19 0.21
C LYS D 113 14.13 4.98 -0.85
N TYR D 114 14.08 4.49 -2.08
CA TYR D 114 13.37 5.14 -3.17
C TYR D 114 12.75 4.08 -4.07
N VAL D 115 11.66 4.45 -4.75
CA VAL D 115 10.94 3.48 -5.57
C VAL D 115 11.83 2.87 -6.66
N PRO D 116 12.62 3.65 -7.43
CA PRO D 116 13.55 3.01 -8.37
C PRO D 116 14.68 2.33 -7.63
N VAL D 117 14.42 1.14 -7.08
CA VAL D 117 15.42 0.42 -6.31
C VAL D 117 16.63 0.15 -7.19
N THR D 118 17.80 0.58 -6.73
CA THR D 118 19.03 0.49 -7.51
C THR D 118 19.97 -0.52 -6.84
N PHE D 119 20.47 -1.46 -7.64
CA PHE D 119 21.42 -2.46 -7.18
C PHE D 119 22.84 -2.03 -7.50
N GLY D 120 23.79 -2.67 -6.83
CA GLY D 120 25.19 -2.43 -7.11
C GLY D 120 25.67 -3.17 -8.35
N GLN D 121 26.83 -2.76 -8.83
CA GLN D 121 27.40 -3.39 -10.03
C GLN D 121 27.72 -4.86 -9.77
N GLY D 122 28.28 -5.16 -8.61
CA GLY D 122 28.64 -6.52 -8.24
C GLY D 122 30.13 -6.61 -7.97
N THR D 123 30.49 -7.41 -6.95
CA THR D 123 31.87 -7.55 -6.51
C THR D 123 32.21 -9.05 -6.42
N LYS D 124 32.69 -9.60 -7.53
CA LYS D 124 33.11 -11.00 -7.53
C LYS D 124 34.31 -11.19 -6.61
N VAL D 125 34.25 -12.22 -5.77
CA VAL D 125 35.31 -12.55 -4.85
C VAL D 125 35.92 -13.88 -5.25
N GLU D 126 37.23 -13.89 -5.50
CA GLU D 126 37.90 -15.06 -6.03
C GLU D 126 39.11 -15.37 -5.16
N ILE D 127 39.54 -16.64 -5.19
CA ILE D 127 40.68 -17.07 -4.39
C ILE D 127 41.94 -16.44 -4.97
N LYS D 128 42.75 -15.84 -4.09
CA LYS D 128 44.04 -15.32 -4.52
C LYS D 128 45.00 -16.47 -4.79
N ARG D 129 45.66 -16.42 -5.94
CA ARG D 129 46.58 -17.46 -6.36
C ARG D 129 47.86 -16.83 -6.90
N THR D 130 48.94 -17.61 -6.88
CA THR D 130 50.20 -17.13 -7.43
C THR D 130 50.06 -16.82 -8.90
N VAL D 131 50.74 -15.77 -9.35
CA VAL D 131 50.65 -15.34 -10.74
C VAL D 131 51.12 -16.48 -11.64
N ALA D 132 50.43 -16.65 -12.77
CA ALA D 132 50.74 -17.70 -13.73
C ALA D 132 50.72 -17.13 -15.14
N ALA D 133 51.75 -17.45 -15.91
CA ALA D 133 51.77 -17.03 -17.30
C ALA D 133 50.73 -17.81 -18.10
N PRO D 134 49.93 -17.15 -18.92
CA PRO D 134 48.94 -17.86 -19.73
C PRO D 134 49.61 -18.80 -20.71
N SER D 135 48.98 -19.96 -20.93
CA SER D 135 49.52 -20.94 -21.86
C SER D 135 49.57 -20.39 -23.28
N VAL D 136 48.52 -19.68 -23.70
CA VAL D 136 48.43 -19.08 -25.03
C VAL D 136 48.62 -20.16 -26.09
N PHE D 137 47.86 -21.25 -25.98
CA PHE D 137 47.91 -22.34 -26.96
C PHE D 137 46.93 -22.03 -28.09
N ILE D 138 47.40 -21.21 -29.04
CA ILE D 138 46.57 -20.80 -30.16
C ILE D 138 46.33 -22.00 -31.08
N PHE D 139 45.09 -22.16 -31.53
CA PHE D 139 44.72 -23.24 -32.42
C PHE D 139 44.31 -22.68 -33.78
N PRO D 140 44.80 -23.26 -34.88
CA PRO D 140 44.44 -22.76 -36.20
C PRO D 140 43.00 -23.08 -36.53
N PRO D 141 42.43 -22.43 -37.56
CA PRO D 141 41.03 -22.69 -37.91
C PRO D 141 40.80 -24.14 -38.29
N SER D 142 39.64 -24.67 -37.92
CA SER D 142 39.31 -26.05 -38.23
C SER D 142 39.07 -26.20 -39.73
N ASP D 143 39.51 -27.35 -40.27
CA ASP D 143 39.29 -27.63 -41.69
C ASP D 143 37.80 -27.75 -42.00
N SER D 144 37.04 -28.42 -41.13
CA SER D 144 35.60 -28.51 -41.32
C SER D 144 34.94 -27.14 -41.20
N GLN D 145 35.46 -26.30 -40.30
CA GLN D 145 34.96 -24.93 -40.19
C GLN D 145 35.22 -24.16 -41.49
N LEU D 146 36.40 -24.34 -42.09
CA LEU D 146 36.69 -23.71 -43.36
C LEU D 146 35.75 -24.19 -44.45
N LYS D 147 35.34 -25.46 -44.39
CA LYS D 147 34.39 -26.00 -45.36
C LYS D 147 33.03 -25.33 -45.22
N SER D 148 32.65 -24.95 -43.99
CA SER D 148 31.37 -24.30 -43.78
C SER D 148 31.30 -22.96 -44.50
N GLY D 149 32.38 -22.19 -44.46
CA GLY D 149 32.41 -20.89 -45.12
C GLY D 149 32.82 -19.76 -44.21
N THR D 150 33.37 -20.09 -43.04
CA THR D 150 33.83 -19.10 -42.09
C THR D 150 35.14 -19.56 -41.47
N ALA D 151 35.86 -18.61 -40.86
CA ALA D 151 37.13 -18.87 -40.22
C ALA D 151 37.04 -18.47 -38.75
N SER D 152 37.40 -19.39 -37.86
CA SER D 152 37.37 -19.14 -36.42
C SER D 152 38.61 -19.78 -35.79
N VAL D 153 39.68 -18.99 -35.68
CA VAL D 153 40.91 -19.43 -35.04
C VAL D 153 40.88 -19.02 -33.57
N VAL D 154 40.61 -19.98 -32.70
CA VAL D 154 40.48 -19.69 -31.27
C VAL D 154 41.86 -19.80 -30.62
N CYS D 155 42.28 -18.76 -29.91
CA CYS D 155 43.51 -18.77 -29.14
C CYS D 155 43.15 -19.10 -27.70
N LEU D 156 43.52 -20.32 -27.28
CA LEU D 156 43.12 -20.84 -25.98
C LEU D 156 44.19 -20.55 -24.93
N LEU D 157 44.19 -19.31 -24.46
CA LEU D 157 45.01 -18.95 -23.31
C LEU D 157 44.38 -19.50 -22.04
N ASN D 158 45.16 -20.24 -21.27
CA ASN D 158 44.60 -20.95 -20.12
C ASN D 158 45.59 -20.90 -18.96
N ASN D 159 45.06 -21.14 -17.76
CA ASN D 159 45.86 -21.24 -16.54
C ASN D 159 46.62 -19.94 -16.26
N PHE D 160 45.87 -18.87 -16.01
CA PHE D 160 46.43 -17.60 -15.57
C PHE D 160 45.57 -17.08 -14.41
N TYR D 161 46.17 -17.06 -13.22
CA TYR D 161 45.44 -16.63 -12.02
C TYR D 161 45.00 -15.17 -12.07
N PRO D 162 45.86 -14.20 -12.39
CA PRO D 162 45.44 -12.79 -12.29
C PRO D 162 44.34 -12.39 -13.28
N ARG D 163 44.14 -13.15 -14.35
CA ARG D 163 43.16 -12.84 -15.39
C ARG D 163 43.56 -11.50 -16.03
N GLU D 164 42.58 -10.77 -16.58
CA GLU D 164 42.83 -9.47 -17.22
C GLU D 164 43.88 -9.57 -18.31
N ALA D 165 43.78 -10.62 -19.14
CA ALA D 165 44.72 -10.85 -20.23
C ALA D 165 44.19 -10.14 -21.47
N LYS D 166 44.93 -9.13 -21.93
CA LYS D 166 44.56 -8.38 -23.13
C LYS D 166 45.10 -9.10 -24.37
N VAL D 167 44.31 -10.09 -24.83
CA VAL D 167 44.70 -10.86 -26.00
C VAL D 167 44.46 -10.04 -27.25
N GLN D 168 45.47 -9.94 -28.10
CA GLN D 168 45.39 -9.24 -29.38
C GLN D 168 45.60 -10.25 -30.49
N TRP D 169 44.68 -10.24 -31.47
CA TRP D 169 44.78 -11.19 -32.57
C TRP D 169 46.01 -10.92 -33.44
N LYS D 170 46.20 -9.66 -33.85
CA LYS D 170 47.34 -9.26 -34.67
C LYS D 170 47.47 -10.13 -35.92
N VAL D 171 46.35 -10.38 -36.60
CA VAL D 171 46.36 -11.23 -37.78
C VAL D 171 46.96 -10.44 -38.95
N ASP D 172 47.98 -11.00 -39.59
CA ASP D 172 48.67 -10.36 -40.72
C ASP D 172 49.15 -8.96 -40.34
N ASN D 173 49.70 -8.86 -39.13
CA ASN D 173 50.20 -7.60 -38.59
C ASN D 173 49.10 -6.54 -38.51
N ALA D 174 47.85 -6.98 -38.37
CA ALA D 174 46.71 -6.08 -38.25
C ALA D 174 45.91 -6.48 -37.02
N LEU D 175 45.58 -5.49 -36.18
CA LEU D 175 44.87 -5.78 -34.93
C LEU D 175 43.50 -6.39 -35.19
N GLN D 176 42.77 -5.86 -36.17
CA GLN D 176 41.42 -6.33 -36.50
C GLN D 176 40.52 -6.29 -35.27
N SER D 177 40.56 -5.15 -34.57
CA SER D 177 39.80 -5.00 -33.33
C SER D 177 38.31 -5.03 -33.61
N GLY D 178 37.55 -5.42 -32.59
CA GLY D 178 36.11 -5.52 -32.70
C GLY D 178 35.64 -6.91 -33.09
N ASN D 179 36.24 -7.46 -34.16
CA ASN D 179 35.89 -8.80 -34.63
C ASN D 179 36.70 -9.82 -33.84
N SER D 180 36.29 -10.03 -32.59
CA SER D 180 36.95 -10.97 -31.70
C SER D 180 35.95 -11.48 -30.68
N GLN D 181 35.73 -12.79 -30.65
CA GLN D 181 34.80 -13.40 -29.70
C GLN D 181 35.62 -13.98 -28.55
N GLU D 182 35.85 -13.13 -27.55
CA GLU D 182 36.64 -13.51 -26.38
C GLU D 182 35.70 -13.91 -25.25
N SER D 183 35.81 -15.14 -24.78
CA SER D 183 35.05 -15.65 -23.65
C SER D 183 36.03 -16.23 -22.65
N VAL D 184 35.88 -15.85 -21.38
CA VAL D 184 36.77 -16.29 -20.31
C VAL D 184 35.95 -17.11 -19.32
N THR D 185 36.42 -18.30 -19.00
CA THR D 185 35.73 -19.16 -18.05
C THR D 185 35.95 -18.65 -16.63
N GLU D 186 35.17 -19.22 -15.71
CA GLU D 186 35.31 -18.86 -14.30
C GLU D 186 36.55 -19.51 -13.71
N GLN D 187 36.81 -19.21 -12.44
CA GLN D 187 37.98 -19.74 -11.77
C GLN D 187 37.91 -21.27 -11.69
N ASP D 188 39.06 -21.92 -11.83
CA ASP D 188 39.11 -23.37 -11.76
C ASP D 188 38.75 -23.85 -10.35
N SER D 189 38.17 -25.05 -10.28
CA SER D 189 37.75 -25.59 -8.99
C SER D 189 38.94 -25.81 -8.06
N LYS D 190 40.05 -26.33 -8.60
CA LYS D 190 41.25 -26.59 -7.82
C LYS D 190 42.39 -25.64 -8.13
N ASP D 191 42.67 -25.40 -9.42
CA ASP D 191 43.77 -24.52 -9.79
C ASP D 191 43.46 -23.05 -9.53
N SER D 192 42.18 -22.68 -9.49
CA SER D 192 41.77 -21.29 -9.30
C SER D 192 42.42 -20.37 -10.33
N THR D 193 42.48 -20.85 -11.57
CA THR D 193 43.10 -20.12 -12.67
C THR D 193 42.09 -19.94 -13.80
N TYR D 194 41.98 -18.72 -14.29
CA TYR D 194 41.05 -18.43 -15.38
C TYR D 194 41.62 -18.92 -16.71
N SER D 195 40.72 -19.12 -17.67
CA SER D 195 41.10 -19.48 -19.04
C SER D 195 40.21 -18.71 -19.99
N LEU D 196 40.81 -18.08 -21.00
CA LEU D 196 40.08 -17.24 -21.95
C LEU D 196 40.41 -17.68 -23.36
N SER D 197 39.39 -17.73 -24.21
CA SER D 197 39.53 -18.09 -25.62
C SER D 197 38.96 -16.96 -26.45
N SER D 198 39.73 -16.50 -27.44
CA SER D 198 39.31 -15.42 -28.33
C SER D 198 39.22 -15.98 -29.75
N THR D 199 38.01 -15.99 -30.30
CA THR D 199 37.82 -16.48 -31.66
C THR D 199 38.02 -15.36 -32.67
N LEU D 200 38.57 -15.72 -33.84
CA LEU D 200 38.83 -14.72 -34.87
C LEU D 200 37.54 -14.17 -35.46
N THR D 201 36.53 -15.04 -35.64
CA THR D 201 35.23 -14.65 -36.20
C THR D 201 35.41 -13.97 -37.56
N LEU D 202 35.93 -14.72 -38.53
CA LEU D 202 36.16 -14.20 -39.87
C LEU D 202 35.38 -15.01 -40.89
N SER D 203 35.56 -14.68 -42.17
CA SER D 203 34.86 -15.35 -43.26
C SER D 203 35.84 -16.22 -44.04
N LYS D 204 35.29 -17.09 -44.89
CA LYS D 204 36.14 -17.96 -45.69
C LYS D 204 37.04 -17.15 -46.61
N ALA D 205 36.50 -16.11 -47.24
CA ALA D 205 37.33 -15.22 -48.06
C ALA D 205 38.36 -14.50 -47.19
N ASP D 206 37.96 -14.08 -45.98
CA ASP D 206 38.90 -13.42 -45.08
C ASP D 206 39.97 -14.39 -44.59
N TYR D 207 39.68 -15.69 -44.59
CA TYR D 207 40.68 -16.67 -44.15
C TYR D 207 41.89 -16.66 -45.06
N GLU D 208 41.68 -16.58 -46.37
CA GLU D 208 42.79 -16.47 -47.31
C GLU D 208 43.53 -15.15 -47.12
N LYS D 209 42.80 -14.07 -46.86
CA LYS D 209 43.44 -12.77 -46.65
C LYS D 209 44.30 -12.79 -45.39
N HIS D 210 43.85 -13.46 -44.34
CA HIS D 210 44.60 -13.57 -43.09
C HIS D 210 45.75 -14.57 -43.29
N LYS D 211 46.80 -14.07 -43.94
CA LYS D 211 47.95 -14.93 -44.25
C LYS D 211 48.64 -15.44 -43.00
N VAL D 212 48.83 -14.57 -42.01
CA VAL D 212 49.54 -14.96 -40.79
C VAL D 212 48.80 -14.47 -39.56
N TYR D 213 48.05 -15.36 -38.92
CA TYR D 213 47.41 -15.04 -37.66
C TYR D 213 48.38 -15.28 -36.50
N ALA D 214 48.06 -14.70 -35.35
CA ALA D 214 48.92 -14.82 -34.18
C ALA D 214 48.08 -14.61 -32.93
N CYS D 215 48.77 -14.60 -31.77
CA CYS D 215 48.13 -14.34 -30.49
C CYS D 215 49.08 -13.49 -29.66
N GLU D 216 48.54 -12.45 -29.03
CA GLU D 216 49.34 -11.47 -28.29
C GLU D 216 48.77 -11.30 -26.87
N VAL D 217 48.56 -12.42 -26.19
CA VAL D 217 48.08 -12.37 -24.81
C VAL D 217 49.06 -11.57 -23.96
N THR D 218 48.53 -10.64 -23.16
CA THR D 218 49.35 -9.72 -22.38
C THR D 218 48.98 -9.75 -20.91
N HIS D 219 48.84 -10.95 -20.34
CA HIS D 219 48.50 -11.06 -18.93
C HIS D 219 49.65 -10.58 -18.06
N GLN D 220 49.32 -10.32 -16.78
CA GLN D 220 50.33 -9.82 -15.85
C GLN D 220 51.46 -10.82 -15.67
N GLY D 221 51.14 -12.11 -15.66
CA GLY D 221 52.17 -13.12 -15.49
C GLY D 221 53.17 -13.12 -16.62
N LEU D 222 52.71 -12.89 -17.85
CA LEU D 222 53.61 -12.81 -18.99
C LEU D 222 54.43 -11.53 -18.93
N SER D 223 55.76 -11.67 -19.02
CA SER D 223 56.62 -10.50 -18.98
C SER D 223 56.39 -9.60 -20.19
N SER D 224 56.23 -10.18 -21.37
CA SER D 224 56.04 -9.43 -22.59
C SER D 224 54.92 -10.07 -23.42
N PRO D 225 54.54 -9.45 -24.54
CA PRO D 225 53.48 -10.04 -25.37
C PRO D 225 53.89 -11.40 -25.91
N VAL D 226 52.91 -12.30 -26.03
CA VAL D 226 53.15 -13.64 -26.55
C VAL D 226 53.36 -13.56 -28.05
N THR D 227 53.98 -14.59 -28.63
CA THR D 227 54.26 -14.66 -30.05
C THR D 227 53.86 -16.01 -30.63
N LYS D 228 52.67 -16.48 -30.28
CA LYS D 228 52.16 -17.76 -30.77
C LYS D 228 51.52 -17.53 -32.14
N SER D 229 52.36 -17.50 -33.16
CA SER D 229 51.89 -17.29 -34.52
C SER D 229 51.09 -18.49 -35.00
N PHE D 230 49.99 -18.23 -35.70
CA PHE D 230 49.13 -19.27 -36.23
C PHE D 230 49.36 -19.51 -37.73
N ASN D 231 50.14 -18.66 -38.39
CA ASN D 231 50.43 -18.76 -39.83
C ASN D 231 49.08 -18.76 -40.58
N ARG D 232 48.88 -19.65 -41.55
CA ARG D 232 47.63 -19.69 -42.28
C ARG D 232 46.85 -20.97 -41.97
#